data_2JLM
#
_entry.id   2JLM
#
_cell.length_a   78.410
_cell.length_b   78.410
_cell.length_c   197.760
_cell.angle_alpha   90.00
_cell.angle_beta   90.00
_cell.angle_gamma   120.00
#
_symmetry.space_group_name_H-M   'P 32'
#
loop_
_entity.id
_entity.type
_entity.pdbx_description
1 polymer 'PUTATIVE PHOSPHINOTHRICIN N-ACETYLTRANSFERASE'
2 non-polymer 'ACETATE ION'
3 non-polymer DI(HYDROXYETHYL)ETHER
4 non-polymer 'AZIDE ION'
5 non-polymer 'SODIUM ION'
6 water water
#
_entity_poly.entity_id   1
_entity_poly.type   'polypeptide(L)'
_entity_poly.pdbx_seq_one_letter_code
;MFSPSTTTLFRFVECTEDQHALEILEILNDAIINSTALYDYKPRSKESMAAWFATKRQNNFPIIGAVNEVGQLLGFASWG
SFRAFPAYKYTVEHSVYIHKDYRGLGLSKHLMNELIKRAVESEVHVMVGCIDATNVASIQLHQKLGFIHSGTIQQAGFKF
GRWLDAAFYQLTLDTPLHPQDD
;
_entity_poly.pdbx_strand_id   A,B,C,D,E,F
#
# COMPACT_ATOMS: atom_id res chain seq x y z
N THR A 6 -31.52 -9.75 -50.92
CA THR A 6 -31.11 -9.18 -49.63
C THR A 6 -29.59 -9.22 -49.46
N THR A 7 -28.95 -10.15 -50.15
CA THR A 7 -27.50 -10.31 -50.04
C THR A 7 -26.74 -9.09 -50.58
N THR A 8 -25.47 -8.97 -50.16
CA THR A 8 -24.60 -7.91 -50.63
C THR A 8 -23.57 -8.54 -51.56
N LEU A 9 -23.63 -8.21 -52.84
CA LEU A 9 -22.69 -8.74 -53.82
C LEU A 9 -21.31 -8.15 -53.64
N PHE A 10 -20.28 -8.99 -53.73
CA PHE A 10 -18.91 -8.50 -53.74
C PHE A 10 -18.11 -9.35 -54.69
N ARG A 11 -16.92 -8.86 -55.05
CA ARG A 11 -15.97 -9.64 -55.86
C ARG A 11 -14.56 -9.43 -55.31
N PHE A 12 -13.68 -10.38 -55.59
CA PHE A 12 -12.30 -10.32 -55.08
C PHE A 12 -11.46 -9.48 -56.03
N VAL A 13 -10.57 -8.67 -55.47
CA VAL A 13 -9.56 -7.98 -56.28
C VAL A 13 -8.19 -8.18 -55.69
N GLU A 14 -7.18 -7.89 -56.49
CA GLU A 14 -5.83 -7.97 -56.02
C GLU A 14 -5.45 -6.56 -55.63
N CYS A 15 -5.32 -6.29 -54.33
CA CYS A 15 -5.06 -4.92 -53.87
C CYS A 15 -3.69 -4.38 -54.26
N THR A 16 -3.65 -3.08 -54.49
CA THR A 16 -2.40 -2.39 -54.80
C THR A 16 -2.34 -1.06 -54.08
N GLU A 17 -1.13 -0.55 -53.88
CA GLU A 17 -0.95 0.73 -53.24
C GLU A 17 -1.58 1.88 -54.03
N ASP A 18 -1.31 1.93 -55.33
CA ASP A 18 -1.86 2.99 -56.15
C ASP A 18 -3.38 3.07 -55.99
N GLN A 19 -4.03 1.92 -55.99
CA GLN A 19 -5.49 1.89 -56.00
C GLN A 19 -6.18 1.88 -54.64
N HIS A 20 -5.50 1.36 -53.62
CA HIS A 20 -6.19 1.03 -52.37
C HIS A 20 -5.52 1.55 -51.11
N ALA A 21 -4.38 2.23 -51.25
CA ALA A 21 -3.64 2.66 -50.07
C ALA A 21 -4.55 3.39 -49.08
N LEU A 22 -5.31 4.37 -49.56
CA LEU A 22 -6.10 5.19 -48.67
C LEU A 22 -7.22 4.38 -48.01
N GLU A 23 -7.85 3.48 -48.77
CA GLU A 23 -8.91 2.65 -48.21
C GLU A 23 -8.36 1.68 -47.15
N ILE A 24 -7.19 1.12 -47.38
CA ILE A 24 -6.57 0.22 -46.42
C ILE A 24 -6.10 0.97 -45.16
N LEU A 25 -5.56 2.17 -45.33
CA LEU A 25 -5.12 2.95 -44.19
C LEU A 25 -6.29 3.24 -43.25
N GLU A 26 -7.42 3.59 -43.84
CA GLU A 26 -8.63 3.89 -43.08
C GLU A 26 -9.08 2.67 -42.27
N ILE A 27 -9.02 1.51 -42.90
CA ILE A 27 -9.43 0.29 -42.22
C ILE A 27 -8.46 -0.05 -41.10
N LEU A 28 -7.16 0.05 -41.36
CA LEU A 28 -6.19 -0.24 -40.32
C LEU A 28 -6.32 0.72 -39.13
N ASN A 29 -6.38 2.02 -39.41
CA ASN A 29 -6.40 3.02 -38.36
C ASN A 29 -7.60 2.81 -37.46
N ASP A 30 -8.75 2.52 -38.07
CA ASP A 30 -9.91 2.18 -37.27
C ASP A 30 -9.65 1.00 -36.32
N ALA A 31 -9.07 -0.08 -36.85
CA ALA A 31 -8.71 -1.23 -36.04
C ALA A 31 -7.74 -0.85 -34.92
N ILE A 32 -6.79 0.05 -35.21
CA ILE A 32 -5.79 0.43 -34.21
C ILE A 32 -6.39 1.21 -33.04
N ILE A 33 -7.20 2.20 -33.36
CA ILE A 33 -7.82 3.05 -32.35
C ILE A 33 -8.86 2.31 -31.51
N ASN A 34 -9.62 1.41 -32.15
CA ASN A 34 -10.78 0.84 -31.47
C ASN A 34 -10.67 -0.61 -30.96
N SER A 35 -9.54 -1.27 -31.19
CA SER A 35 -9.48 -2.71 -30.90
C SER A 35 -8.08 -3.25 -30.74
N THR A 36 -7.98 -4.54 -30.43
CA THR A 36 -6.69 -5.23 -30.28
C THR A 36 -6.34 -6.10 -31.49
N ALA A 37 -7.11 -5.98 -32.57
CA ALA A 37 -6.76 -6.70 -33.80
C ALA A 37 -5.38 -6.27 -34.33
N LEU A 38 -4.95 -5.07 -33.96
CA LEU A 38 -3.60 -4.59 -34.23
C LEU A 38 -2.92 -4.13 -32.95
N TYR A 39 -1.68 -4.60 -32.76
CA TYR A 39 -0.93 -4.28 -31.55
C TYR A 39 -0.18 -2.92 -31.64
N ASP A 40 -0.58 -2.07 -32.58
CA ASP A 40 -0.11 -0.68 -32.63
C ASP A 40 -0.90 0.18 -31.64
N TYR A 41 -0.26 1.22 -31.11
CA TYR A 41 -0.97 2.18 -30.25
C TYR A 41 -1.46 3.37 -31.09
N LYS A 42 -0.57 3.90 -31.93
CA LYS A 42 -0.82 5.11 -32.69
C LYS A 42 -1.25 4.78 -34.12
N PRO A 43 -2.14 5.61 -34.69
CA PRO A 43 -2.56 5.43 -36.08
C PRO A 43 -1.38 5.50 -37.04
N ARG A 44 -1.59 4.98 -38.24
CA ARG A 44 -0.57 4.99 -39.28
C ARG A 44 -0.86 6.11 -40.26
N SER A 45 0.08 6.36 -41.15
CA SER A 45 -0.05 7.42 -42.14
C SER A 45 0.20 6.85 -43.52
N LYS A 46 -0.09 7.62 -44.55
CA LYS A 46 0.19 7.19 -45.92
C LYS A 46 1.66 6.81 -46.03
N GLU A 47 2.52 7.58 -45.37
CA GLU A 47 3.95 7.30 -45.39
C GLU A 47 4.30 5.96 -44.71
N SER A 48 3.66 5.70 -43.57
CA SER A 48 3.77 4.40 -42.90
C SER A 48 3.47 3.25 -43.85
N MET A 49 2.59 3.49 -44.81
CA MET A 49 2.06 2.46 -45.68
C MET A 49 3.00 2.08 -46.81
N ALA A 50 3.73 3.05 -47.32
CA ALA A 50 4.61 2.82 -48.46
C ALA A 50 5.45 1.59 -48.21
N ALA A 51 6.07 1.55 -47.03
CA ALA A 51 6.91 0.43 -46.64
C ALA A 51 6.12 -0.88 -46.49
N TRP A 52 4.87 -0.75 -46.06
CA TRP A 52 4.01 -1.90 -45.86
C TRP A 52 3.71 -2.54 -47.21
N PHE A 53 3.38 -1.70 -48.19
CA PHE A 53 3.11 -2.18 -49.53
C PHE A 53 4.37 -2.68 -50.21
N ALA A 54 5.48 -2.01 -49.94
CA ALA A 54 6.76 -2.35 -50.58
C ALA A 54 7.23 -3.72 -50.10
N THR A 55 7.00 -3.99 -48.82
CA THR A 55 7.38 -5.27 -48.25
C THR A 55 6.58 -6.40 -48.88
N LYS A 56 5.28 -6.17 -49.07
CA LYS A 56 4.46 -7.20 -49.69
C LYS A 56 4.78 -7.41 -51.19
N ARG A 57 5.09 -6.34 -51.90
CA ARG A 57 5.48 -6.46 -53.31
C ARG A 57 6.76 -7.26 -53.48
N GLN A 58 7.80 -6.89 -52.75
CA GLN A 58 9.11 -7.52 -52.95
C GLN A 58 9.24 -8.96 -52.41
N ASN A 59 8.21 -9.43 -51.71
CA ASN A 59 8.18 -10.81 -51.20
C ASN A 59 7.06 -11.57 -51.87
N ASN A 60 6.34 -10.88 -52.74
CA ASN A 60 5.18 -11.45 -53.42
C ASN A 60 4.14 -11.95 -52.43
N PHE A 61 3.98 -11.22 -51.34
CA PHE A 61 2.87 -11.46 -50.42
C PHE A 61 1.60 -10.93 -51.06
N PRO A 62 0.55 -11.75 -51.10
CA PRO A 62 -0.71 -11.32 -51.70
C PRO A 62 -1.47 -10.37 -50.76
N ILE A 63 -2.30 -9.53 -51.35
CA ILE A 63 -3.25 -8.72 -50.62
C ILE A 63 -4.59 -8.91 -51.34
N ILE A 64 -5.48 -9.69 -50.75
CA ILE A 64 -6.76 -9.97 -51.38
C ILE A 64 -7.84 -9.05 -50.82
N GLY A 65 -8.54 -8.36 -51.70
CA GLY A 65 -9.55 -7.40 -51.31
C GLY A 65 -10.93 -7.88 -51.67
N ALA A 66 -11.93 -7.51 -50.88
CA ALA A 66 -13.31 -7.71 -51.30
C ALA A 66 -13.90 -6.34 -51.60
N VAL A 67 -14.58 -6.26 -52.72
CA VAL A 67 -15.02 -5.00 -53.27
C VAL A 67 -16.50 -5.12 -53.60
N ASN A 68 -17.29 -4.12 -53.23
CA ASN A 68 -18.72 -4.15 -53.53
C ASN A 68 -19.01 -3.83 -54.98
N GLU A 69 -20.27 -3.92 -55.34
CA GLU A 69 -20.72 -3.73 -56.72
C GLU A 69 -20.08 -2.50 -57.35
N VAL A 70 -19.92 -1.45 -56.54
CA VAL A 70 -19.40 -0.17 -57.01
C VAL A 70 -17.90 -0.12 -57.13
N GLY A 71 -17.20 -1.03 -56.43
CA GLY A 71 -15.75 -1.02 -56.46
C GLY A 71 -15.10 -0.49 -55.19
N GLN A 72 -15.92 -0.21 -54.18
CA GLN A 72 -15.40 0.19 -52.87
C GLN A 72 -14.87 -0.99 -52.04
N LEU A 73 -13.73 -0.80 -51.36
CA LEU A 73 -13.11 -1.86 -50.57
C LEU A 73 -13.84 -2.12 -49.25
N LEU A 74 -14.38 -3.33 -49.10
CA LEU A 74 -15.16 -3.73 -47.94
C LEU A 74 -14.31 -4.43 -46.89
N GLY A 75 -13.14 -4.89 -47.30
CA GLY A 75 -12.29 -5.64 -46.41
C GLY A 75 -11.18 -6.27 -47.21
N PHE A 76 -10.15 -6.74 -46.52
CA PHE A 76 -9.03 -7.32 -47.22
C PHE A 76 -8.29 -8.31 -46.31
N ALA A 77 -7.59 -9.23 -46.94
CA ALA A 77 -6.83 -10.22 -46.21
C ALA A 77 -5.44 -10.29 -46.79
N SER A 78 -4.45 -10.56 -45.96
CA SER A 78 -3.07 -10.69 -46.42
C SER A 78 -2.32 -11.66 -45.55
N TRP A 79 -1.10 -11.97 -45.94
CA TRP A 79 -0.19 -12.67 -45.05
C TRP A 79 1.20 -12.09 -45.24
N GLY A 80 2.08 -12.39 -44.30
CA GLY A 80 3.45 -11.95 -44.34
C GLY A 80 4.28 -12.97 -43.59
N SER A 81 5.54 -12.66 -43.32
CA SER A 81 6.41 -13.53 -42.58
C SER A 81 5.86 -13.74 -41.16
N PHE A 82 5.86 -14.98 -40.69
CA PHE A 82 5.52 -15.28 -39.29
C PHE A 82 6.70 -15.05 -38.33
N ARG A 83 7.80 -15.73 -38.58
CA ARG A 83 9.05 -15.45 -37.87
C ARG A 83 10.15 -15.29 -38.92
N ALA A 84 11.04 -14.32 -38.74
CA ALA A 84 12.02 -14.02 -39.76
C ALA A 84 13.31 -14.84 -39.61
N PHE A 85 13.23 -16.08 -40.05
CA PHE A 85 14.38 -16.98 -40.11
C PHE A 85 14.10 -17.90 -41.27
N PRO A 86 15.14 -18.30 -41.99
CA PRO A 86 14.96 -19.09 -43.20
C PRO A 86 14.13 -20.35 -42.97
N ALA A 87 14.32 -21.00 -41.82
CA ALA A 87 13.64 -22.26 -41.55
C ALA A 87 12.11 -22.15 -41.53
N TYR A 88 11.60 -20.93 -41.40
CA TYR A 88 10.16 -20.66 -41.37
C TYR A 88 9.57 -20.32 -42.74
N LYS A 89 10.35 -20.55 -43.80
CA LYS A 89 9.97 -20.17 -45.17
C LYS A 89 8.59 -20.65 -45.61
N TYR A 90 8.09 -21.73 -45.01
CA TYR A 90 6.82 -22.30 -45.43
C TYR A 90 5.68 -21.95 -44.46
N THR A 91 5.99 -21.04 -43.54
CA THR A 91 5.00 -20.62 -42.58
C THR A 91 4.74 -19.14 -42.80
N VAL A 92 3.48 -18.77 -42.95
CA VAL A 92 3.12 -17.36 -43.08
C VAL A 92 2.17 -16.99 -41.96
N GLU A 93 2.17 -15.72 -41.59
CA GLU A 93 1.18 -15.20 -40.65
C GLU A 93 0.17 -14.36 -41.43
N HIS A 94 -1.10 -14.67 -41.28
CA HIS A 94 -2.11 -13.99 -42.06
C HIS A 94 -2.91 -13.01 -41.19
N SER A 95 -3.60 -12.10 -41.84
CA SER A 95 -4.58 -11.26 -41.16
C SER A 95 -5.69 -10.88 -42.13
N VAL A 96 -6.84 -10.58 -41.57
CA VAL A 96 -7.96 -10.14 -42.39
C VAL A 96 -8.64 -9.01 -41.63
N TYR A 97 -8.91 -7.91 -42.32
CA TYR A 97 -9.58 -6.77 -41.71
C TYR A 97 -10.77 -6.41 -42.56
N ILE A 98 -11.90 -6.24 -41.89
CA ILE A 98 -13.15 -5.89 -42.55
C ILE A 98 -13.54 -4.49 -42.16
N HIS A 99 -13.99 -3.73 -43.15
CA HIS A 99 -14.50 -2.40 -42.90
C HIS A 99 -15.61 -2.40 -41.84
N LYS A 100 -15.55 -1.41 -40.94
CA LYS A 100 -16.49 -1.33 -39.82
C LYS A 100 -17.98 -1.29 -40.19
N ASP A 101 -18.31 -0.90 -41.42
CA ASP A 101 -19.72 -0.85 -41.83
C ASP A 101 -20.18 -2.15 -42.46
N TYR A 102 -19.27 -3.11 -42.60
CA TYR A 102 -19.60 -4.34 -43.30
C TYR A 102 -19.27 -5.58 -42.47
N ARG A 103 -19.26 -5.43 -41.15
CA ARG A 103 -19.00 -6.56 -40.26
C ARG A 103 -20.27 -7.37 -40.05
N GLY A 104 -20.08 -8.65 -39.73
CA GLY A 104 -21.21 -9.52 -39.46
C GLY A 104 -21.93 -9.98 -40.70
N LEU A 105 -21.28 -9.85 -41.86
CA LEU A 105 -21.86 -10.26 -43.13
C LEU A 105 -21.22 -11.54 -43.66
N GLY A 106 -20.28 -12.11 -42.92
CA GLY A 106 -19.59 -13.31 -43.37
C GLY A 106 -18.38 -13.03 -44.25
N LEU A 107 -17.97 -11.77 -44.32
CA LEU A 107 -16.87 -11.38 -45.22
C LEU A 107 -15.49 -11.94 -44.85
N SER A 108 -15.19 -11.99 -43.55
CA SER A 108 -13.86 -12.45 -43.16
C SER A 108 -13.70 -13.92 -43.46
N LYS A 109 -14.82 -14.64 -43.45
CA LYS A 109 -14.83 -16.04 -43.80
C LYS A 109 -14.55 -16.21 -45.30
N HIS A 110 -15.27 -15.45 -46.12
CA HIS A 110 -15.07 -15.49 -47.57
C HIS A 110 -13.63 -15.14 -47.92
N LEU A 111 -13.13 -14.10 -47.27
CA LEU A 111 -11.79 -13.61 -47.56
C LEU A 111 -10.74 -14.61 -47.10
N MET A 112 -11.00 -15.29 -45.98
CA MET A 112 -10.04 -16.25 -45.44
C MET A 112 -9.99 -17.45 -46.36
N ASN A 113 -11.16 -17.92 -46.80
CA ASN A 113 -11.20 -19.04 -47.72
C ASN A 113 -10.39 -18.77 -48.98
N GLU A 114 -10.57 -17.59 -49.55
CA GLU A 114 -9.83 -17.23 -50.73
C GLU A 114 -8.34 -17.13 -50.39
N LEU A 115 -8.02 -16.61 -49.22
CA LEU A 115 -6.62 -16.54 -48.80
C LEU A 115 -6.04 -17.95 -48.66
N ILE A 116 -6.82 -18.84 -48.05
CA ILE A 116 -6.38 -20.21 -47.88
C ILE A 116 -6.07 -20.85 -49.24
N LYS A 117 -6.95 -20.65 -50.21
CA LYS A 117 -6.75 -21.15 -51.57
C LYS A 117 -5.49 -20.56 -52.18
N ARG A 118 -5.24 -19.27 -51.96
CA ARG A 118 -4.01 -18.67 -52.47
C ARG A 118 -2.77 -19.32 -51.81
N ALA A 119 -2.92 -19.75 -50.56
CA ALA A 119 -1.79 -20.29 -49.80
C ALA A 119 -1.40 -21.66 -50.35
N VAL A 120 -2.40 -22.50 -50.62
CA VAL A 120 -2.19 -23.76 -51.30
C VAL A 120 -1.43 -23.56 -52.61
N GLU A 121 -1.93 -22.64 -53.43
CA GLU A 121 -1.32 -22.30 -54.72
C GLU A 121 0.08 -21.73 -54.57
N SER A 122 0.41 -21.24 -53.38
CA SER A 122 1.70 -20.58 -53.20
C SER A 122 2.71 -21.43 -52.46
N GLU A 123 2.37 -22.69 -52.21
CA GLU A 123 3.31 -23.64 -51.60
C GLU A 123 3.49 -23.40 -50.11
N VAL A 124 2.54 -22.70 -49.52
CA VAL A 124 2.56 -22.49 -48.09
C VAL A 124 2.30 -23.82 -47.38
N HIS A 125 2.96 -24.04 -46.25
CA HIS A 125 2.69 -25.26 -45.46
C HIS A 125 1.87 -24.96 -44.20
N VAL A 126 2.18 -23.85 -43.52
CA VAL A 126 1.42 -23.46 -42.33
C VAL A 126 0.98 -21.99 -42.35
N MET A 127 -0.30 -21.76 -42.11
CA MET A 127 -0.81 -20.41 -41.90
C MET A 127 -1.06 -20.22 -40.42
N VAL A 128 -0.55 -19.11 -39.87
CA VAL A 128 -0.75 -18.81 -38.45
C VAL A 128 -1.54 -17.53 -38.28
N GLY A 129 -2.60 -17.59 -37.49
CA GLY A 129 -3.32 -16.38 -37.13
C GLY A 129 -3.01 -16.02 -35.70
N CYS A 130 -2.60 -14.78 -35.45
CA CYS A 130 -2.38 -14.32 -34.09
C CYS A 130 -3.52 -13.41 -33.68
N ILE A 131 -4.32 -13.84 -32.71
CA ILE A 131 -5.52 -13.11 -32.35
C ILE A 131 -5.64 -12.94 -30.85
N ASP A 132 -6.39 -11.92 -30.43
CA ASP A 132 -6.60 -11.67 -29.03
C ASP A 132 -7.32 -12.89 -28.50
N ALA A 133 -6.81 -13.48 -27.43
CA ALA A 133 -7.38 -14.75 -26.97
C ALA A 133 -8.81 -14.61 -26.47
N THR A 134 -9.30 -13.37 -26.40
CA THR A 134 -10.68 -13.12 -25.96
C THR A 134 -11.59 -12.68 -27.10
N ASN A 135 -11.06 -12.60 -28.31
CA ASN A 135 -11.89 -12.31 -29.48
C ASN A 135 -12.62 -13.57 -29.96
N VAL A 136 -13.79 -13.80 -29.39
CA VAL A 136 -14.54 -15.02 -29.64
C VAL A 136 -14.89 -15.21 -31.10
N ALA A 137 -15.33 -14.15 -31.78
CA ALA A 137 -15.79 -14.25 -33.16
C ALA A 137 -14.68 -14.70 -34.09
N SER A 138 -13.47 -14.20 -33.86
CA SER A 138 -12.32 -14.54 -34.67
C SER A 138 -11.83 -15.95 -34.35
N ILE A 139 -11.85 -16.32 -33.08
CA ILE A 139 -11.54 -17.69 -32.72
C ILE A 139 -12.50 -18.65 -33.43
N GLN A 140 -13.79 -18.34 -33.37
CA GLN A 140 -14.77 -19.19 -34.05
C GLN A 140 -14.61 -19.25 -35.58
N LEU A 141 -14.33 -18.13 -36.22
CA LEU A 141 -14.08 -18.12 -37.65
C LEU A 141 -12.93 -19.08 -37.99
N HIS A 142 -11.85 -19.02 -37.23
CA HIS A 142 -10.70 -19.84 -37.49
C HIS A 142 -10.99 -21.32 -37.22
N GLN A 143 -11.78 -21.60 -36.19
CA GLN A 143 -12.19 -22.98 -35.94
C GLN A 143 -13.03 -23.49 -37.09
N LYS A 144 -14.00 -22.69 -37.54
CA LYS A 144 -14.84 -23.10 -38.66
C LYS A 144 -13.97 -23.41 -39.86
N LEU A 145 -12.87 -22.67 -40.04
CA LEU A 145 -12.00 -22.89 -41.19
C LEU A 145 -11.03 -24.06 -41.06
N GLY A 146 -11.00 -24.71 -39.90
CA GLY A 146 -10.10 -25.84 -39.73
C GLY A 146 -8.81 -25.55 -38.96
N PHE A 147 -8.63 -24.30 -38.58
CA PHE A 147 -7.49 -23.92 -37.74
C PHE A 147 -7.59 -24.62 -36.39
N ILE A 148 -6.44 -24.98 -35.82
CA ILE A 148 -6.43 -25.44 -34.45
C ILE A 148 -5.69 -24.45 -33.56
N HIS A 149 -6.08 -24.41 -32.28
CA HIS A 149 -5.42 -23.55 -31.32
C HIS A 149 -4.06 -24.13 -30.89
N SER A 150 -2.99 -23.57 -31.42
CA SER A 150 -1.62 -24.01 -31.10
C SER A 150 -1.18 -23.63 -29.69
N GLY A 151 -1.63 -22.47 -29.21
CA GLY A 151 -1.34 -22.03 -27.85
C GLY A 151 -1.51 -20.55 -27.64
N THR A 152 -1.14 -20.08 -26.45
CA THR A 152 -1.35 -18.69 -26.08
C THR A 152 -0.21 -18.14 -25.24
N ILE A 153 0.30 -16.98 -25.64
CA ILE A 153 1.28 -16.27 -24.83
C ILE A 153 0.51 -15.31 -23.94
N GLN A 154 0.31 -15.73 -22.69
CA GLN A 154 -0.43 -14.97 -21.70
C GLN A 154 0.26 -13.66 -21.42
N GLN A 155 -0.50 -12.58 -21.44
CA GLN A 155 0.00 -11.25 -21.14
C GLN A 155 1.17 -10.83 -22.01
N ALA A 156 1.13 -11.25 -23.27
CA ALA A 156 2.20 -10.89 -24.20
C ALA A 156 2.10 -9.43 -24.60
N GLY A 157 0.88 -8.90 -24.56
CA GLY A 157 0.65 -7.53 -24.96
C GLY A 157 0.09 -6.63 -23.88
N PHE A 158 0.25 -5.33 -24.09
CA PHE A 158 -0.36 -4.37 -23.20
C PHE A 158 -0.98 -3.26 -24.03
N LYS A 159 -2.29 -3.08 -23.88
CA LYS A 159 -3.02 -2.05 -24.62
C LYS A 159 -4.33 -1.72 -23.92
N PHE A 160 -4.81 -0.48 -24.07
CA PHE A 160 -6.00 0.01 -23.37
C PHE A 160 -5.88 -0.21 -21.86
N GLY A 161 -4.67 -0.01 -21.35
CA GLY A 161 -4.42 -0.19 -19.93
C GLY A 161 -4.60 -1.60 -19.40
N ARG A 162 -4.43 -2.61 -20.25
CA ARG A 162 -4.53 -3.99 -19.79
C ARG A 162 -3.60 -4.98 -20.52
N TRP A 163 -3.37 -6.10 -19.84
CA TRP A 163 -2.59 -7.20 -20.40
C TRP A 163 -3.38 -7.96 -21.45
N LEU A 164 -2.73 -8.29 -22.56
CA LEU A 164 -3.39 -9.04 -23.64
C LEU A 164 -2.82 -10.43 -23.82
N ASP A 165 -3.69 -11.40 -24.08
CA ASP A 165 -3.28 -12.75 -24.39
C ASP A 165 -3.24 -12.93 -25.90
N ALA A 166 -2.07 -13.30 -26.42
CA ALA A 166 -1.92 -13.51 -27.86
C ALA A 166 -2.04 -14.99 -28.20
N ALA A 167 -3.19 -15.36 -28.78
CA ALA A 167 -3.45 -16.75 -29.13
C ALA A 167 -2.98 -17.04 -30.54
N PHE A 168 -2.39 -18.22 -30.72
CA PHE A 168 -1.89 -18.62 -32.03
C PHE A 168 -2.71 -19.77 -32.59
N TYR A 169 -3.45 -19.49 -33.66
CA TYR A 169 -4.19 -20.49 -34.42
C TYR A 169 -3.51 -20.83 -35.73
N GLN A 170 -3.36 -22.12 -36.01
CA GLN A 170 -2.63 -22.55 -37.19
C GLN A 170 -3.48 -23.46 -38.05
N LEU A 171 -3.20 -23.44 -39.35
CA LEU A 171 -3.81 -24.37 -40.27
C LEU A 171 -2.65 -24.96 -41.07
N THR A 172 -2.55 -26.29 -41.07
CA THR A 172 -1.47 -26.98 -41.78
C THR A 172 -2.00 -27.49 -43.11
N LEU A 173 -1.26 -27.22 -44.18
CA LEU A 173 -1.73 -27.55 -45.51
C LEU A 173 -1.02 -28.79 -46.04
N ASP A 174 -1.54 -29.37 -47.12
CA ASP A 174 -0.93 -30.54 -47.76
C ASP A 174 0.34 -30.20 -48.53
N THR A 175 0.40 -28.98 -49.04
CA THR A 175 1.59 -28.44 -49.72
C THR A 175 2.57 -27.93 -48.67
N PRO A 176 3.84 -27.77 -49.04
CA PRO A 176 4.41 -28.08 -50.35
C PRO A 176 4.71 -29.57 -50.42
N LEU A 177 4.64 -30.15 -51.62
CA LEU A 177 4.92 -31.57 -51.77
C LEU A 177 6.43 -31.83 -51.72
N HIS A 178 7.22 -30.87 -52.19
CA HIS A 178 8.67 -31.04 -52.26
C HIS A 178 9.41 -29.90 -51.57
N PRO A 179 9.30 -29.81 -50.23
CA PRO A 179 9.99 -28.70 -49.55
C PRO A 179 11.49 -28.92 -49.62
N GLN A 180 12.26 -27.84 -49.57
CA GLN A 180 13.70 -27.97 -49.71
C GLN A 180 14.38 -26.91 -48.84
N ASP A 181 15.42 -27.33 -48.12
CA ASP A 181 16.25 -26.38 -47.38
C ASP A 181 16.68 -25.32 -48.37
N ASP A 182 17.13 -24.17 -47.88
CA ASP A 182 17.63 -23.13 -48.78
C ASP A 182 19.09 -23.39 -49.13
N MET B 1 38.50 -32.24 -3.11
CA MET B 1 38.54 -30.90 -3.70
C MET B 1 38.30 -30.94 -5.21
N PHE B 2 38.98 -30.06 -5.95
CA PHE B 2 38.94 -30.05 -7.42
C PHE B 2 40.33 -29.76 -8.01
N SER B 3 40.60 -30.27 -9.21
CA SER B 3 41.82 -29.91 -9.95
C SER B 3 41.42 -28.92 -11.05
N THR B 7 37.85 -29.60 -12.74
CA THR B 7 36.85 -28.58 -13.08
C THR B 7 37.17 -27.39 -14.01
N THR B 8 36.10 -26.89 -14.64
CA THR B 8 36.13 -25.68 -15.46
C THR B 8 35.52 -24.51 -14.68
N LEU B 9 36.30 -23.43 -14.57
CA LEU B 9 35.94 -22.29 -13.74
C LEU B 9 35.74 -21.07 -14.62
N PHE B 10 34.68 -20.31 -14.36
CA PHE B 10 34.27 -19.28 -15.32
C PHE B 10 33.63 -18.07 -14.65
N ARG B 11 33.54 -16.98 -15.43
CA ARG B 11 32.89 -15.75 -14.97
C ARG B 11 32.00 -15.17 -16.06
N PHE B 12 31.09 -14.29 -15.66
CA PHE B 12 30.19 -13.59 -16.59
C PHE B 12 30.82 -12.31 -17.11
N VAL B 13 30.62 -12.02 -18.38
CA VAL B 13 31.06 -10.75 -18.96
C VAL B 13 29.96 -10.12 -19.80
N GLU B 14 29.98 -8.80 -19.94
CA GLU B 14 29.08 -8.12 -20.86
C GLU B 14 29.71 -8.12 -22.24
N CYS B 15 29.28 -9.05 -23.08
CA CYS B 15 29.90 -9.22 -24.38
C CYS B 15 29.82 -7.95 -25.22
N THR B 16 30.85 -7.72 -26.02
CA THR B 16 30.90 -6.54 -26.89
C THR B 16 31.35 -6.98 -28.28
N GLU B 17 30.92 -6.25 -29.31
CA GLU B 17 31.34 -6.58 -30.66
C GLU B 17 32.85 -6.66 -30.78
N ASP B 18 33.55 -5.74 -30.11
CA ASP B 18 35.00 -5.67 -30.19
C ASP B 18 35.68 -6.96 -29.73
N GLN B 19 35.29 -7.45 -28.56
CA GLN B 19 35.95 -8.60 -27.95
C GLN B 19 35.47 -9.95 -28.46
N HIS B 20 34.17 -10.06 -28.74
CA HIS B 20 33.58 -11.39 -28.90
C HIS B 20 32.94 -11.66 -30.27
N ALA B 21 32.92 -10.66 -31.13
CA ALA B 21 32.36 -10.81 -32.46
C ALA B 21 32.78 -12.14 -33.08
N LEU B 22 34.06 -12.46 -32.93
CA LEU B 22 34.63 -13.64 -33.56
C LEU B 22 34.14 -14.93 -32.91
N GLU B 23 34.25 -15.01 -31.59
CA GLU B 23 33.91 -16.22 -30.85
C GLU B 23 32.41 -16.52 -30.97
N ILE B 24 31.59 -15.48 -30.89
CA ILE B 24 30.14 -15.62 -30.98
C ILE B 24 29.71 -16.11 -32.36
N LEU B 25 30.26 -15.50 -33.40
CA LEU B 25 29.93 -15.91 -34.76
C LEU B 25 30.22 -17.40 -34.96
N GLU B 26 31.31 -17.87 -34.36
CA GLU B 26 31.69 -19.29 -34.46
C GLU B 26 30.71 -20.20 -33.70
N ILE B 27 30.34 -19.80 -32.49
CA ILE B 27 29.33 -20.53 -31.71
C ILE B 27 28.01 -20.64 -32.48
N LEU B 28 27.59 -19.53 -33.08
CA LEU B 28 26.34 -19.47 -33.83
C LEU B 28 26.38 -20.33 -35.09
N ASN B 29 27.51 -20.32 -35.79
CA ASN B 29 27.60 -21.11 -37.00
C ASN B 29 27.59 -22.60 -36.70
N ASP B 30 28.20 -22.99 -35.59
CA ASP B 30 28.16 -24.39 -35.19
C ASP B 30 26.73 -24.83 -35.00
N ALA B 31 25.94 -23.98 -34.35
CA ALA B 31 24.53 -24.29 -34.07
C ALA B 31 23.70 -24.29 -35.35
N ILE B 32 23.98 -23.35 -36.25
CA ILE B 32 23.28 -23.30 -37.52
C ILE B 32 23.52 -24.60 -38.29
N ILE B 33 24.76 -25.05 -38.27
CA ILE B 33 25.16 -26.18 -39.10
C ILE B 33 24.76 -27.53 -38.52
N ASN B 34 24.79 -27.67 -37.20
CA ASN B 34 24.61 -28.98 -36.58
C ASN B 34 23.37 -29.18 -35.73
N SER B 35 22.58 -28.12 -35.54
CA SER B 35 21.39 -28.25 -34.71
C SER B 35 20.16 -27.53 -35.26
N THR B 36 19.01 -27.82 -34.66
CA THR B 36 17.76 -27.19 -35.04
C THR B 36 17.49 -26.02 -34.09
N ALA B 37 18.54 -25.51 -33.47
CA ALA B 37 18.41 -24.45 -32.46
C ALA B 37 18.34 -23.07 -33.09
N LEU B 38 19.16 -22.83 -34.11
CA LEU B 38 19.02 -21.63 -34.93
C LEU B 38 18.33 -22.02 -36.23
N TYR B 39 17.44 -21.16 -36.70
CA TYR B 39 16.66 -21.50 -37.88
C TYR B 39 17.22 -20.97 -39.20
N ASP B 40 18.55 -20.84 -39.26
CA ASP B 40 19.24 -20.54 -40.51
C ASP B 40 19.73 -21.83 -41.16
N TYR B 41 19.89 -21.79 -42.47
CA TYR B 41 20.44 -22.90 -43.23
C TYR B 41 21.94 -22.72 -43.41
N LYS B 42 22.34 -21.51 -43.72
CA LYS B 42 23.72 -21.20 -44.07
C LYS B 42 24.44 -20.50 -42.93
N PRO B 43 25.76 -20.66 -42.86
CA PRO B 43 26.63 -19.89 -41.96
C PRO B 43 26.38 -18.39 -42.11
N ARG B 44 26.43 -17.67 -41.01
CA ARG B 44 26.23 -16.23 -41.06
C ARG B 44 27.56 -15.56 -41.38
N SER B 45 27.49 -14.43 -42.08
CA SER B 45 28.70 -13.71 -42.47
C SER B 45 29.19 -12.84 -41.32
N LYS B 46 30.48 -12.49 -41.34
CA LYS B 46 31.03 -11.57 -40.36
C LYS B 46 30.38 -10.20 -40.52
N GLU B 47 30.08 -9.84 -41.77
CA GLU B 47 29.37 -8.59 -42.05
C GLU B 47 28.04 -8.56 -41.31
N SER B 48 27.34 -9.69 -41.31
CA SER B 48 26.02 -9.80 -40.69
C SER B 48 26.10 -9.67 -39.16
N MET B 49 27.15 -10.24 -38.58
CA MET B 49 27.37 -10.15 -37.14
C MET B 49 27.43 -8.72 -36.66
N ALA B 50 28.05 -7.85 -37.46
CA ALA B 50 28.18 -6.43 -37.13
C ALA B 50 26.79 -5.81 -36.98
N ALA B 51 25.88 -6.23 -37.87
CA ALA B 51 24.49 -5.78 -37.85
C ALA B 51 23.76 -6.34 -36.64
N TRP B 52 24.07 -7.59 -36.31
CA TRP B 52 23.48 -8.26 -35.16
C TRP B 52 23.78 -7.48 -33.89
N PHE B 53 25.05 -7.15 -33.69
CA PHE B 53 25.46 -6.37 -32.53
C PHE B 53 24.79 -5.01 -32.51
N ALA B 54 24.75 -4.37 -33.68
CA ALA B 54 24.17 -3.03 -33.79
C ALA B 54 22.76 -3.01 -33.19
N THR B 55 21.95 -3.98 -33.58
CA THR B 55 20.60 -4.11 -33.04
C THR B 55 20.61 -4.23 -31.52
N LYS B 56 21.48 -5.08 -30.99
CA LYS B 56 21.54 -5.26 -29.55
C LYS B 56 21.84 -3.93 -28.87
N ARG B 57 22.87 -3.23 -29.36
CA ARG B 57 23.19 -1.90 -28.86
C ARG B 57 22.02 -0.94 -28.99
N GLN B 58 21.46 -0.87 -30.19
CA GLN B 58 20.37 0.08 -30.44
C GLN B 58 19.27 -0.05 -29.42
N ASN B 59 18.94 -1.28 -29.05
CA ASN B 59 17.80 -1.53 -28.17
C ASN B 59 18.19 -1.76 -26.72
N ASN B 60 19.48 -1.73 -26.44
CA ASN B 60 19.96 -2.07 -25.10
C ASN B 60 19.50 -3.48 -24.72
N PHE B 61 19.64 -4.41 -25.66
CA PHE B 61 19.44 -5.82 -25.39
C PHE B 61 20.74 -6.38 -24.82
N PRO B 62 20.65 -7.09 -23.69
CA PRO B 62 21.83 -7.64 -23.02
C PRO B 62 22.49 -8.75 -23.81
N ILE B 63 23.81 -8.86 -23.68
CA ILE B 63 24.52 -10.03 -24.14
C ILE B 63 25.42 -10.47 -23.00
N ILE B 64 24.98 -11.48 -22.25
CA ILE B 64 25.78 -11.98 -21.15
C ILE B 64 26.61 -13.17 -21.60
N GLY B 65 27.90 -13.15 -21.24
CA GLY B 65 28.81 -14.19 -21.69
C GLY B 65 29.39 -14.93 -20.51
N ALA B 66 29.88 -16.14 -20.77
CA ALA B 66 30.55 -16.94 -19.76
C ALA B 66 31.93 -17.21 -20.30
N VAL B 67 32.94 -16.77 -19.55
CA VAL B 67 34.32 -16.90 -20.02
C VAL B 67 35.12 -17.73 -19.05
N ASN B 68 36.01 -18.58 -19.59
CA ASN B 68 36.85 -19.45 -18.75
C ASN B 68 38.10 -18.70 -18.27
N GLU B 69 38.89 -19.32 -17.39
CA GLU B 69 40.07 -18.65 -16.84
C GLU B 69 40.91 -17.97 -17.92
N VAL B 70 41.27 -18.74 -18.94
CA VAL B 70 42.08 -18.24 -20.05
C VAL B 70 41.49 -17.00 -20.71
N GLY B 71 40.16 -16.95 -20.81
CA GLY B 71 39.48 -15.83 -21.42
C GLY B 71 38.60 -16.18 -22.62
N GLN B 72 38.52 -17.47 -22.95
CA GLN B 72 37.70 -17.96 -24.05
C GLN B 72 36.20 -17.83 -23.75
N LEU B 73 35.41 -17.52 -24.77
CA LEU B 73 33.96 -17.45 -24.59
C LEU B 73 33.37 -18.86 -24.62
N LEU B 74 32.73 -19.25 -23.52
CA LEU B 74 32.17 -20.60 -23.39
C LEU B 74 30.69 -20.65 -23.79
N GLY B 75 30.06 -19.48 -23.87
CA GLY B 75 28.67 -19.39 -24.25
C GLY B 75 28.12 -18.02 -23.91
N PHE B 76 26.92 -17.74 -24.41
CA PHE B 76 26.28 -16.46 -24.13
C PHE B 76 24.76 -16.60 -24.13
N ALA B 77 24.10 -15.63 -23.54
CA ALA B 77 22.64 -15.59 -23.51
C ALA B 77 22.27 -14.18 -23.87
N SER B 78 21.10 -14.02 -24.49
CA SER B 78 20.67 -12.71 -24.95
C SER B 78 19.17 -12.71 -25.07
N TRP B 79 18.60 -11.54 -25.37
CA TRP B 79 17.20 -11.47 -25.78
C TRP B 79 16.97 -10.40 -26.82
N GLY B 80 15.77 -10.43 -27.41
CA GLY B 80 15.39 -9.50 -28.45
C GLY B 80 13.89 -9.35 -28.52
N SER B 81 13.43 -8.65 -29.55
CA SER B 81 12.00 -8.54 -29.77
C SER B 81 11.40 -9.93 -29.98
N PHE B 82 10.23 -10.17 -29.40
CA PHE B 82 9.49 -11.38 -29.67
C PHE B 82 8.70 -11.17 -30.95
N ARG B 83 7.74 -10.25 -30.91
CA ARG B 83 7.02 -9.82 -32.11
C ARG B 83 7.14 -8.31 -32.20
N ALA B 84 7.37 -7.81 -33.41
CA ALA B 84 7.70 -6.40 -33.60
C ALA B 84 6.47 -5.52 -33.80
N PHE B 85 5.71 -5.34 -32.72
CA PHE B 85 4.59 -4.42 -32.68
C PHE B 85 4.69 -3.75 -31.34
N PRO B 86 4.33 -2.46 -31.27
CA PRO B 86 4.54 -1.66 -30.06
C PRO B 86 3.97 -2.27 -28.78
N ALA B 87 2.79 -2.90 -28.85
CA ALA B 87 2.15 -3.40 -27.62
C ALA B 87 2.82 -4.66 -27.05
N TYR B 88 3.86 -5.15 -27.74
CA TYR B 88 4.69 -6.23 -27.24
C TYR B 88 5.92 -5.71 -26.48
N LYS B 89 5.90 -4.42 -26.16
CA LYS B 89 7.04 -3.75 -25.53
C LYS B 89 7.59 -4.44 -24.28
N TYR B 90 6.73 -5.15 -23.55
CA TYR B 90 7.16 -5.80 -22.31
C TYR B 90 7.47 -7.28 -22.51
N THR B 91 7.56 -7.73 -23.76
CA THR B 91 7.86 -9.13 -24.04
C THR B 91 9.18 -9.30 -24.79
N VAL B 92 10.01 -10.22 -24.33
CA VAL B 92 11.23 -10.50 -25.06
C VAL B 92 11.35 -11.99 -25.36
N GLU B 93 12.06 -12.30 -26.43
CA GLU B 93 12.40 -13.66 -26.72
C GLU B 93 13.88 -13.76 -26.40
N HIS B 94 14.24 -14.78 -25.64
CA HIS B 94 15.64 -14.96 -25.24
C HIS B 94 16.24 -16.12 -25.99
N SER B 95 17.56 -16.12 -26.06
CA SER B 95 18.27 -17.23 -26.66
C SER B 95 19.54 -17.45 -25.86
N VAL B 96 19.94 -18.70 -25.74
CA VAL B 96 21.21 -19.02 -25.12
C VAL B 96 21.96 -20.09 -25.93
N TYR B 97 23.21 -19.81 -26.26
CA TYR B 97 24.06 -20.75 -26.98
C TYR B 97 25.30 -21.05 -26.16
N ILE B 98 25.65 -22.33 -26.10
CA ILE B 98 26.85 -22.77 -25.41
C ILE B 98 27.82 -23.32 -26.42
N HIS B 99 29.08 -22.95 -26.29
CA HIS B 99 30.13 -23.46 -27.16
C HIS B 99 30.14 -24.99 -27.17
N LYS B 100 30.48 -25.57 -28.32
CA LYS B 100 30.39 -27.02 -28.53
C LYS B 100 31.17 -27.89 -27.53
N ASP B 101 32.29 -27.37 -27.01
CA ASP B 101 33.14 -28.19 -26.16
C ASP B 101 32.76 -28.11 -24.68
N TYR B 102 31.79 -27.27 -24.35
CA TYR B 102 31.46 -27.02 -22.93
C TYR B 102 30.02 -27.35 -22.57
N ARG B 103 29.37 -28.20 -23.35
CA ARG B 103 27.97 -28.54 -23.10
C ARG B 103 27.79 -29.59 -22.02
N GLY B 104 26.59 -29.67 -21.47
CA GLY B 104 26.30 -30.59 -20.38
C GLY B 104 27.09 -30.30 -19.10
N LEU B 105 27.54 -29.06 -18.95
CA LEU B 105 28.27 -28.67 -17.74
C LEU B 105 27.45 -27.70 -16.88
N GLY B 106 26.26 -27.36 -17.36
CA GLY B 106 25.36 -26.49 -16.61
C GLY B 106 25.43 -25.02 -16.96
N LEU B 107 26.17 -24.69 -18.02
CA LEU B 107 26.34 -23.30 -18.41
C LEU B 107 25.03 -22.63 -18.81
N SER B 108 24.14 -23.38 -19.47
CA SER B 108 22.85 -22.85 -19.94
C SER B 108 22.02 -22.40 -18.76
N LYS B 109 22.04 -23.20 -17.71
CA LYS B 109 21.29 -22.86 -16.51
C LYS B 109 21.86 -21.60 -15.86
N HIS B 110 23.19 -21.53 -15.76
CA HIS B 110 23.82 -20.37 -15.12
C HIS B 110 23.49 -19.11 -15.90
N LEU B 111 23.70 -19.19 -17.21
CA LEU B 111 23.40 -18.08 -18.10
C LEU B 111 21.93 -17.66 -18.08
N MET B 112 21.03 -18.63 -17.95
CA MET B 112 19.59 -18.34 -17.88
C MET B 112 19.25 -17.62 -16.59
N ASN B 113 19.86 -18.05 -15.50
CA ASN B 113 19.61 -17.39 -14.22
C ASN B 113 20.02 -15.94 -14.30
N GLU B 114 21.21 -15.70 -14.85
CA GLU B 114 21.75 -14.35 -15.00
C GLU B 114 20.87 -13.49 -15.92
N LEU B 115 20.40 -14.07 -17.02
CA LEU B 115 19.55 -13.35 -17.96
C LEU B 115 18.23 -12.95 -17.30
N ILE B 116 17.66 -13.87 -16.52
CA ILE B 116 16.38 -13.63 -15.86
C ILE B 116 16.51 -12.50 -14.82
N LYS B 117 17.62 -12.47 -14.10
CA LYS B 117 17.91 -11.35 -13.20
C LYS B 117 17.84 -10.07 -14.01
N ARG B 118 18.60 -10.04 -15.10
CA ARG B 118 18.62 -8.89 -16.01
C ARG B 118 17.22 -8.52 -16.49
N ALA B 119 16.38 -9.51 -16.78
CA ALA B 119 15.01 -9.23 -17.24
C ALA B 119 14.24 -8.47 -16.16
N VAL B 120 14.46 -8.84 -14.91
CA VAL B 120 13.79 -8.16 -13.78
C VAL B 120 14.29 -6.73 -13.59
N GLU B 121 15.59 -6.51 -13.77
CA GLU B 121 16.12 -5.15 -13.68
C GLU B 121 15.67 -4.32 -14.87
N SER B 122 15.19 -4.98 -15.93
CA SER B 122 14.91 -4.28 -17.17
C SER B 122 13.44 -4.02 -17.42
N GLU B 123 12.61 -4.39 -16.46
CA GLU B 123 11.16 -4.16 -16.57
C GLU B 123 10.49 -5.07 -17.61
N VAL B 124 11.08 -6.23 -17.85
CA VAL B 124 10.48 -7.22 -18.73
C VAL B 124 9.32 -7.88 -18.00
N HIS B 125 8.20 -8.06 -18.69
CA HIS B 125 7.06 -8.77 -18.10
C HIS B 125 7.03 -10.26 -18.48
N VAL B 126 7.34 -10.58 -19.73
CA VAL B 126 7.31 -11.96 -20.21
C VAL B 126 8.57 -12.30 -21.00
N MET B 127 9.22 -13.39 -20.64
CA MET B 127 10.29 -13.93 -21.47
C MET B 127 9.73 -15.13 -22.22
N VAL B 128 9.95 -15.19 -23.53
CA VAL B 128 9.48 -16.31 -24.35
C VAL B 128 10.64 -17.08 -24.93
N GLY B 129 10.62 -18.39 -24.78
CA GLY B 129 11.61 -19.22 -25.42
C GLY B 129 10.95 -20.00 -26.53
N CYS B 130 11.61 -20.05 -27.68
CA CYS B 130 11.15 -20.88 -28.78
C CYS B 130 12.09 -22.07 -28.87
N ILE B 131 11.54 -23.27 -28.71
CA ILE B 131 12.34 -24.48 -28.59
C ILE B 131 11.82 -25.53 -29.56
N ASP B 132 12.73 -26.23 -30.25
CA ASP B 132 12.31 -27.45 -30.95
C ASP B 132 11.55 -28.32 -29.95
N ALA B 133 10.31 -28.69 -30.29
CA ALA B 133 9.46 -29.44 -29.38
C ALA B 133 10.02 -30.80 -29.01
N THR B 134 11.01 -31.29 -29.74
CA THR B 134 11.64 -32.54 -29.34
C THR B 134 12.79 -32.31 -28.37
N ASN B 135 13.15 -31.05 -28.14
CA ASN B 135 14.29 -30.74 -27.27
C ASN B 135 13.94 -30.88 -25.80
N VAL B 136 13.83 -32.11 -25.33
CA VAL B 136 13.39 -32.42 -23.97
C VAL B 136 14.27 -31.77 -22.90
N ALA B 137 15.58 -31.76 -23.13
CA ALA B 137 16.54 -31.20 -22.20
C ALA B 137 16.26 -29.72 -21.97
N SER B 138 16.05 -28.99 -23.06
CA SER B 138 15.84 -27.54 -22.94
C SER B 138 14.50 -27.23 -22.27
N ILE B 139 13.50 -28.00 -22.64
CA ILE B 139 12.19 -27.85 -22.04
C ILE B 139 12.27 -28.07 -20.53
N GLN B 140 12.97 -29.13 -20.12
CA GLN B 140 13.12 -29.42 -18.70
C GLN B 140 13.86 -28.26 -18.03
N LEU B 141 14.92 -27.76 -18.66
CA LEU B 141 15.63 -26.64 -18.06
C LEU B 141 14.66 -25.49 -17.89
N HIS B 142 13.91 -25.16 -18.93
CA HIS B 142 12.99 -24.05 -18.86
C HIS B 142 11.92 -24.29 -17.79
N GLN B 143 11.49 -25.53 -17.64
CA GLN B 143 10.48 -25.83 -16.63
C GLN B 143 11.02 -25.67 -15.21
N LYS B 144 12.30 -26.01 -15.02
CA LYS B 144 12.92 -25.87 -13.70
C LYS B 144 13.05 -24.39 -13.32
N LEU B 145 13.15 -23.53 -14.32
CA LEU B 145 13.26 -22.10 -14.09
C LEU B 145 11.91 -21.42 -13.96
N GLY B 146 10.82 -22.18 -14.04
CA GLY B 146 9.49 -21.62 -13.90
C GLY B 146 8.73 -21.28 -15.19
N PHE B 147 9.30 -21.63 -16.34
CA PHE B 147 8.61 -21.44 -17.62
C PHE B 147 7.42 -22.37 -17.77
N ILE B 148 6.37 -21.87 -18.40
CA ILE B 148 5.22 -22.72 -18.68
C ILE B 148 5.09 -22.87 -20.19
N HIS B 149 4.62 -24.05 -20.60
CA HIS B 149 4.37 -24.35 -22.01
C HIS B 149 3.19 -23.53 -22.51
N SER B 150 3.45 -22.58 -23.40
CA SER B 150 2.39 -21.71 -23.91
C SER B 150 1.65 -22.41 -25.03
N GLY B 151 2.40 -23.18 -25.80
CA GLY B 151 1.82 -23.97 -26.86
C GLY B 151 2.85 -24.33 -27.90
N THR B 152 2.40 -25.04 -28.92
CA THR B 152 3.29 -25.56 -29.95
C THR B 152 2.68 -25.41 -31.33
N ILE B 153 3.43 -24.82 -32.24
CA ILE B 153 2.99 -24.71 -33.62
C ILE B 153 3.64 -25.84 -34.41
N GLN B 154 2.81 -26.79 -34.81
CA GLN B 154 3.29 -27.98 -35.51
C GLN B 154 3.82 -27.68 -36.91
N GLN B 155 4.98 -28.25 -37.21
CA GLN B 155 5.59 -28.19 -38.53
C GLN B 155 5.78 -26.76 -39.00
N ALA B 156 5.97 -25.85 -38.05
CA ALA B 156 6.23 -24.45 -38.37
C ALA B 156 7.58 -24.25 -39.05
N GLY B 157 8.52 -25.15 -38.77
CA GLY B 157 9.86 -25.04 -39.33
C GLY B 157 10.22 -26.14 -40.30
N PHE B 158 11.25 -25.90 -41.10
CA PHE B 158 11.77 -26.92 -41.99
C PHE B 158 13.29 -26.86 -41.98
N LYS B 159 13.93 -27.96 -41.57
CA LYS B 159 15.38 -28.03 -41.54
C LYS B 159 15.86 -29.48 -41.58
N PHE B 160 17.00 -29.71 -42.21
CA PHE B 160 17.49 -31.08 -42.45
C PHE B 160 16.42 -31.89 -43.17
N GLY B 161 15.69 -31.23 -44.05
CA GLY B 161 14.70 -31.90 -44.87
C GLY B 161 13.47 -32.40 -44.15
N ARG B 162 13.27 -32.00 -42.89
CA ARG B 162 12.05 -32.40 -42.23
C ARG B 162 11.32 -31.24 -41.56
N TRP B 163 10.02 -31.42 -41.36
CA TRP B 163 9.20 -30.46 -40.64
C TRP B 163 9.52 -30.48 -39.14
N LEU B 164 9.53 -29.30 -38.52
CA LEU B 164 9.89 -29.18 -37.11
C LEU B 164 8.79 -28.48 -36.36
N ASP B 165 8.50 -28.96 -35.15
CA ASP B 165 7.47 -28.35 -34.32
C ASP B 165 8.10 -27.30 -33.41
N ALA B 166 7.54 -26.09 -33.40
CA ALA B 166 8.09 -25.01 -32.60
C ALA B 166 7.30 -24.84 -31.30
N ALA B 167 7.95 -25.14 -30.19
CA ALA B 167 7.33 -25.05 -28.89
C ALA B 167 7.64 -23.69 -28.26
N PHE B 168 6.67 -23.10 -27.59
CA PHE B 168 6.88 -21.81 -26.94
C PHE B 168 6.67 -21.95 -25.45
N TYR B 169 7.69 -21.51 -24.71
CA TYR B 169 7.69 -21.50 -23.26
C TYR B 169 7.83 -20.05 -22.78
N GLN B 170 6.98 -19.66 -21.84
CA GLN B 170 7.06 -18.30 -21.30
C GLN B 170 7.25 -18.25 -19.78
N LEU B 171 8.00 -17.24 -19.35
CA LEU B 171 8.09 -16.95 -17.93
C LEU B 171 7.53 -15.55 -17.71
N THR B 172 6.51 -15.46 -16.85
CA THR B 172 5.86 -14.19 -16.55
C THR B 172 6.43 -13.62 -15.25
N LEU B 173 6.85 -12.35 -15.29
CA LEU B 173 7.52 -11.71 -14.14
C LEU B 173 6.60 -10.71 -13.47
N ASP B 174 6.99 -10.23 -12.29
CA ASP B 174 6.16 -9.28 -11.56
C ASP B 174 6.29 -7.88 -12.14
N THR B 175 7.44 -7.63 -12.75
CA THR B 175 7.71 -6.40 -13.45
C THR B 175 6.96 -6.40 -14.79
N PRO B 176 6.64 -5.21 -15.32
CA PRO B 176 6.89 -3.93 -14.65
C PRO B 176 5.75 -3.65 -13.69
N LEU B 177 6.02 -2.86 -12.64
CA LEU B 177 5.02 -2.53 -11.64
C LEU B 177 3.90 -1.63 -12.17
N HIS B 178 4.27 -0.70 -13.08
CA HIS B 178 3.29 0.23 -13.63
C HIS B 178 3.33 0.27 -15.16
N PRO B 179 2.76 -0.77 -15.81
CA PRO B 179 2.74 -0.88 -17.27
C PRO B 179 1.86 0.21 -17.87
N GLN B 180 2.25 0.76 -19.02
CA GLN B 180 1.39 1.74 -19.68
C GLN B 180 1.44 1.68 -21.21
N ASP B 181 0.33 2.03 -21.87
CA ASP B 181 0.30 2.17 -23.33
C ASP B 181 1.38 3.17 -23.71
N ASP B 182 1.93 3.05 -24.92
CA ASP B 182 2.89 4.05 -25.40
C ASP B 182 2.27 5.44 -25.44
N THR C 6 -32.50 12.65 -49.84
CA THR C 6 -32.97 11.28 -49.99
C THR C 6 -33.89 10.85 -48.86
N THR C 7 -34.29 9.59 -48.87
CA THR C 7 -35.21 9.09 -47.87
C THR C 7 -34.50 8.16 -46.90
N THR C 8 -35.16 7.90 -45.77
CA THR C 8 -34.68 6.92 -44.81
C THR C 8 -35.77 6.50 -43.84
N LEU C 9 -36.00 5.19 -43.78
CA LEU C 9 -37.01 4.64 -42.92
C LEU C 9 -36.44 4.47 -41.52
N PHE C 10 -37.25 4.73 -40.51
CA PHE C 10 -36.91 4.23 -39.18
C PHE C 10 -38.04 3.34 -38.63
N ARG C 11 -37.66 2.34 -37.85
CA ARG C 11 -38.59 1.35 -37.35
C ARG C 11 -38.09 0.77 -36.03
N PHE C 12 -38.95 0.81 -35.00
CA PHE C 12 -38.54 0.38 -33.66
C PHE C 12 -38.42 -1.12 -33.54
N VAL C 13 -37.32 -1.60 -32.96
CA VAL C 13 -37.16 -3.02 -32.67
C VAL C 13 -36.58 -3.24 -31.27
N GLU C 14 -36.63 -4.49 -30.81
CA GLU C 14 -36.12 -4.82 -29.51
C GLU C 14 -34.74 -5.46 -29.63
N CYS C 15 -33.69 -4.66 -29.44
CA CYS C 15 -32.32 -5.13 -29.66
C CYS C 15 -31.95 -6.38 -28.86
N THR C 16 -31.11 -7.22 -29.46
CA THR C 16 -30.57 -8.38 -28.75
C THR C 16 -29.08 -8.49 -29.02
N GLU C 17 -28.40 -9.23 -28.16
CA GLU C 17 -26.97 -9.50 -28.31
C GLU C 17 -26.68 -10.07 -29.69
N ASP C 18 -27.31 -11.21 -29.99
CA ASP C 18 -27.05 -11.94 -31.24
C ASP C 18 -27.12 -11.03 -32.47
N GLN C 19 -28.13 -10.17 -32.51
CA GLN C 19 -28.35 -9.35 -33.71
C GLN C 19 -27.65 -7.97 -33.71
N HIS C 20 -27.32 -7.42 -32.53
CA HIS C 20 -26.92 -6.02 -32.47
C HIS C 20 -25.65 -5.68 -31.69
N ALA C 21 -25.08 -6.65 -31.00
CA ALA C 21 -23.93 -6.38 -30.16
C ALA C 21 -22.92 -5.57 -30.96
N LEU C 22 -22.77 -5.91 -32.23
CA LEU C 22 -21.72 -5.33 -33.05
C LEU C 22 -22.01 -3.86 -33.28
N GLU C 23 -23.18 -3.57 -33.83
CA GLU C 23 -23.59 -2.20 -34.15
C GLU C 23 -23.68 -1.32 -32.90
N ILE C 24 -23.97 -1.94 -31.76
CA ILE C 24 -24.06 -1.22 -30.50
C ILE C 24 -22.66 -0.91 -30.00
N LEU C 25 -21.76 -1.88 -30.15
CA LEU C 25 -20.38 -1.68 -29.74
C LEU C 25 -19.73 -0.52 -30.50
N GLU C 26 -19.93 -0.46 -31.83
CA GLU C 26 -19.38 0.60 -32.66
C GLU C 26 -19.91 1.99 -32.29
N ILE C 27 -21.20 2.07 -31.97
CA ILE C 27 -21.77 3.33 -31.54
C ILE C 27 -21.17 3.78 -30.21
N LEU C 28 -21.07 2.86 -29.27
CA LEU C 28 -20.54 3.21 -27.97
C LEU C 28 -19.09 3.68 -28.08
N ASN C 29 -18.29 2.93 -28.83
CA ASN C 29 -16.86 3.18 -28.92
C ASN C 29 -16.59 4.54 -29.49
N ASP C 30 -17.39 4.90 -30.48
CA ASP C 30 -17.28 6.21 -31.07
C ASP C 30 -17.58 7.31 -30.04
N ALA C 31 -18.61 7.07 -29.22
CA ALA C 31 -19.02 8.02 -28.17
C ALA C 31 -17.90 8.17 -27.16
N ILE C 32 -17.22 7.07 -26.87
CA ILE C 32 -16.14 7.04 -25.89
C ILE C 32 -14.88 7.80 -26.36
N ILE C 33 -14.45 7.52 -27.59
CA ILE C 33 -13.26 8.15 -28.14
C ILE C 33 -13.51 9.64 -28.46
N ASN C 34 -14.72 9.97 -28.88
CA ASN C 34 -14.99 11.32 -29.35
C ASN C 34 -15.70 12.27 -28.40
N SER C 35 -16.28 11.75 -27.32
CA SER C 35 -17.10 12.63 -26.48
C SER C 35 -17.14 12.26 -25.00
N THR C 36 -17.94 13.01 -24.26
CA THR C 36 -18.11 12.79 -22.81
C THR C 36 -19.44 12.12 -22.51
N ALA C 37 -20.10 11.62 -23.54
CA ALA C 37 -21.36 10.90 -23.35
C ALA C 37 -21.17 9.60 -22.57
N LEU C 38 -19.96 9.05 -22.61
CA LEU C 38 -19.59 7.94 -21.73
C LEU C 38 -18.31 8.29 -21.01
N TYR C 39 -18.24 7.90 -19.74
CA TYR C 39 -17.11 8.30 -18.89
C TYR C 39 -16.04 7.22 -18.92
N ASP C 40 -16.05 6.44 -20.00
CA ASP C 40 -14.96 5.49 -20.27
C ASP C 40 -13.84 6.24 -20.96
N TYR C 41 -12.62 5.84 -20.69
CA TYR C 41 -11.46 6.39 -21.40
C TYR C 41 -11.19 5.56 -22.66
N LYS C 42 -11.29 4.24 -22.50
CA LYS C 42 -10.82 3.29 -23.52
C LYS C 42 -11.99 2.58 -24.16
N PRO C 43 -11.83 2.18 -25.44
CA PRO C 43 -12.85 1.40 -26.15
C PRO C 43 -13.23 0.14 -25.37
N ARG C 44 -14.45 -0.35 -25.60
CA ARG C 44 -14.90 -1.58 -24.96
C ARG C 44 -14.74 -2.78 -25.91
N SER C 45 -14.68 -3.98 -25.33
CA SER C 45 -14.51 -5.23 -26.10
C SER C 45 -15.76 -5.69 -26.81
N LYS C 46 -15.66 -6.85 -27.45
CA LYS C 46 -16.83 -7.62 -27.81
C LYS C 46 -17.15 -8.40 -26.53
N GLU C 47 -16.10 -8.64 -25.74
CA GLU C 47 -16.24 -9.32 -24.47
C GLU C 47 -17.07 -8.52 -23.49
N SER C 48 -16.54 -7.37 -23.08
CA SER C 48 -17.22 -6.47 -22.14
C SER C 48 -18.71 -6.28 -22.44
N MET C 49 -19.08 -6.39 -23.71
CA MET C 49 -20.46 -6.23 -24.15
C MET C 49 -21.38 -7.34 -23.66
N ALA C 50 -20.87 -8.55 -23.58
CA ALA C 50 -21.65 -9.70 -23.11
C ALA C 50 -22.29 -9.40 -21.75
N ALA C 51 -21.48 -9.00 -20.78
CA ALA C 51 -22.01 -8.67 -19.46
C ALA C 51 -23.06 -7.55 -19.53
N TRP C 52 -22.85 -6.59 -20.43
CA TRP C 52 -23.76 -5.48 -20.62
C TRP C 52 -25.16 -5.98 -21.00
N PHE C 53 -25.22 -6.84 -22.00
CA PHE C 53 -26.48 -7.46 -22.40
C PHE C 53 -27.02 -8.37 -21.31
N ALA C 54 -26.14 -9.15 -20.71
CA ALA C 54 -26.54 -10.08 -19.66
C ALA C 54 -27.33 -9.36 -18.56
N THR C 55 -26.74 -8.30 -18.02
CA THR C 55 -27.38 -7.49 -16.99
C THR C 55 -28.75 -6.99 -17.42
N LYS C 56 -28.86 -6.53 -18.66
CA LYS C 56 -30.16 -6.09 -19.19
C LYS C 56 -31.16 -7.24 -19.13
N ARG C 57 -30.72 -8.43 -19.51
CA ARG C 57 -31.61 -9.58 -19.58
C ARG C 57 -32.02 -10.02 -18.18
N GLN C 58 -31.06 -10.07 -17.26
CA GLN C 58 -31.31 -10.52 -15.90
C GLN C 58 -32.30 -9.61 -15.18
N ASN C 59 -32.31 -8.34 -15.57
CA ASN C 59 -33.17 -7.36 -14.91
C ASN C 59 -34.32 -6.92 -15.80
N ASN C 60 -34.43 -7.55 -16.97
CA ASN C 60 -35.43 -7.16 -17.95
C ASN C 60 -35.38 -5.65 -18.22
N PHE C 61 -34.17 -5.13 -18.38
CA PHE C 61 -33.98 -3.76 -18.84
C PHE C 61 -34.18 -3.77 -20.34
N PRO C 62 -34.99 -2.85 -20.85
CA PRO C 62 -35.29 -2.83 -22.29
C PRO C 62 -34.15 -2.23 -23.10
N ILE C 63 -34.03 -2.65 -24.35
CA ILE C 63 -33.11 -2.02 -25.28
C ILE C 63 -33.92 -1.78 -26.54
N ILE C 64 -34.29 -0.54 -26.77
CA ILE C 64 -35.08 -0.21 -27.94
C ILE C 64 -34.19 0.34 -29.03
N GLY C 65 -34.13 -0.35 -30.16
CA GLY C 65 -33.39 0.14 -31.31
C GLY C 65 -34.26 0.83 -32.35
N ALA C 66 -33.65 1.73 -33.14
CA ALA C 66 -34.27 2.22 -34.35
C ALA C 66 -33.46 1.72 -35.55
N VAL C 67 -34.11 0.96 -36.43
CA VAL C 67 -33.42 0.44 -37.60
C VAL C 67 -34.11 0.90 -38.88
N ASN C 68 -33.35 0.97 -39.97
CA ASN C 68 -33.87 1.44 -41.26
C ASN C 68 -34.30 0.29 -42.19
N GLU C 69 -34.65 0.65 -43.42
CA GLU C 69 -35.02 -0.34 -44.44
C GLU C 69 -34.05 -1.51 -44.46
N VAL C 70 -32.78 -1.23 -44.75
CA VAL C 70 -31.76 -2.26 -44.74
C VAL C 70 -31.92 -3.16 -43.51
N GLY C 71 -32.16 -2.53 -42.37
CA GLY C 71 -32.23 -3.24 -41.10
C GLY C 71 -31.07 -2.85 -40.21
N GLN C 72 -30.41 -1.76 -40.58
CA GLN C 72 -29.22 -1.29 -39.90
C GLN C 72 -29.59 -0.44 -38.69
N LEU C 73 -28.79 -0.54 -37.63
CA LEU C 73 -29.11 0.15 -36.38
C LEU C 73 -28.73 1.63 -36.46
N LEU C 74 -29.73 2.50 -36.49
CA LEU C 74 -29.49 3.93 -36.55
C LEU C 74 -29.23 4.50 -35.18
N GLY C 75 -29.68 3.79 -34.16
CA GLY C 75 -29.55 4.26 -32.79
C GLY C 75 -30.35 3.40 -31.82
N PHE C 76 -30.14 3.60 -30.53
CA PHE C 76 -30.83 2.81 -29.54
C PHE C 76 -30.95 3.55 -28.20
N ALA C 77 -31.88 3.11 -27.38
CA ALA C 77 -32.07 3.70 -26.08
C ALA C 77 -32.33 2.59 -25.08
N SER C 78 -31.92 2.81 -23.86
CA SER C 78 -32.00 1.78 -22.85
C SER C 78 -31.97 2.44 -21.48
N TRP C 79 -32.24 1.65 -20.45
CA TRP C 79 -32.01 2.11 -19.10
C TRP C 79 -31.46 1.00 -18.25
N GLY C 80 -30.97 1.38 -17.08
CA GLY C 80 -30.40 0.44 -16.15
C GLY C 80 -30.63 0.99 -14.77
N SER C 81 -29.94 0.42 -13.80
CA SER C 81 -30.05 0.86 -12.44
C SER C 81 -29.47 2.25 -12.34
N PHE C 82 -30.11 3.14 -11.58
CA PHE C 82 -29.52 4.45 -11.30
C PHE C 82 -28.60 4.35 -10.07
N ARG C 83 -29.15 3.89 -8.95
CA ARG C 83 -28.33 3.60 -7.78
C ARG C 83 -28.67 2.21 -7.26
N ALA C 84 -27.64 1.42 -6.99
CA ALA C 84 -27.81 0.01 -6.64
C ALA C 84 -28.19 -0.21 -5.18
N PHE C 85 -29.35 0.31 -4.78
CA PHE C 85 -29.93 -0.01 -3.48
C PHE C 85 -31.43 -0.19 -3.68
N PRO C 86 -32.04 -1.05 -2.87
CA PRO C 86 -33.43 -1.46 -3.06
C PRO C 86 -34.39 -0.28 -3.07
N ALA C 87 -34.13 0.72 -2.24
CA ALA C 87 -35.07 1.83 -2.15
C ALA C 87 -35.11 2.68 -3.44
N TYR C 88 -34.24 2.38 -4.40
CA TYR C 88 -34.23 3.08 -5.69
C TYR C 88 -34.89 2.22 -6.79
N LYS C 89 -35.70 1.25 -6.40
CA LYS C 89 -36.25 0.27 -7.35
C LYS C 89 -37.15 0.86 -8.44
N TYR C 90 -37.64 2.08 -8.21
CA TYR C 90 -38.58 2.71 -9.13
C TYR C 90 -37.87 3.83 -9.89
N THR C 91 -36.57 3.91 -9.71
CA THR C 91 -35.78 4.91 -10.40
C THR C 91 -34.83 4.20 -11.38
N VAL C 92 -34.83 4.63 -12.63
CA VAL C 92 -33.91 4.06 -13.59
C VAL C 92 -33.07 5.16 -14.18
N GLU C 93 -31.88 4.79 -14.64
CA GLU C 93 -31.08 5.73 -15.41
C GLU C 93 -31.09 5.33 -16.89
N HIS C 94 -31.38 6.28 -17.76
CA HIS C 94 -31.57 5.95 -19.16
C HIS C 94 -30.45 6.59 -19.98
N SER C 95 -30.27 6.07 -21.18
N SER C 95 -30.25 6.07 -21.17
CA SER C 95 -29.34 6.65 -22.15
CA SER C 95 -29.38 6.72 -22.15
C SER C 95 -29.82 6.37 -23.57
C SER C 95 -29.86 6.41 -23.56
N VAL C 96 -29.60 7.33 -24.47
CA VAL C 96 -29.96 7.14 -25.85
C VAL C 96 -28.71 7.47 -26.63
N TYR C 97 -28.39 6.65 -27.62
CA TYR C 97 -27.22 6.85 -28.48
C TYR C 97 -27.66 6.79 -29.92
N ILE C 98 -27.31 7.81 -30.67
CA ILE C 98 -27.65 7.91 -32.08
C ILE C 98 -26.38 7.76 -32.91
N HIS C 99 -26.43 6.89 -33.92
CA HIS C 99 -25.30 6.72 -34.84
C HIS C 99 -24.86 8.07 -35.43
N LYS C 100 -23.55 8.25 -35.59
CA LYS C 100 -23.03 9.55 -36.02
C LYS C 100 -23.56 10.05 -37.37
N ASP C 101 -23.89 9.15 -38.29
CA ASP C 101 -24.40 9.60 -39.60
C ASP C 101 -25.84 10.08 -39.53
N TYR C 102 -26.53 9.72 -38.45
CA TYR C 102 -27.97 9.99 -38.38
C TYR C 102 -28.35 11.02 -37.33
N ARG C 103 -27.35 11.67 -36.76
CA ARG C 103 -27.58 12.66 -35.72
C ARG C 103 -28.21 13.91 -36.32
N GLY C 104 -29.00 14.61 -35.51
CA GLY C 104 -29.65 15.81 -35.96
C GLY C 104 -30.92 15.57 -36.75
N LEU C 105 -31.42 14.34 -36.74
CA LEU C 105 -32.65 14.04 -37.44
C LEU C 105 -33.88 13.94 -36.54
N GLY C 106 -33.66 14.02 -35.23
CA GLY C 106 -34.76 13.88 -34.30
C GLY C 106 -34.99 12.42 -33.89
N LEU C 107 -34.04 11.55 -34.18
CA LEU C 107 -34.13 10.16 -33.75
C LEU C 107 -34.15 10.00 -32.22
N SER C 108 -33.24 10.67 -31.51
CA SER C 108 -33.18 10.51 -30.07
C SER C 108 -34.52 10.89 -29.44
N LYS C 109 -35.13 11.93 -29.97
CA LYS C 109 -36.46 12.32 -29.52
C LYS C 109 -37.47 11.21 -29.68
N HIS C 110 -37.45 10.54 -30.83
CA HIS C 110 -38.40 9.46 -31.09
C HIS C 110 -38.08 8.23 -30.27
N LEU C 111 -36.80 7.97 -30.07
CA LEU C 111 -36.39 6.83 -29.24
C LEU C 111 -36.75 7.05 -27.78
N MET C 112 -36.43 8.23 -27.25
CA MET C 112 -36.78 8.61 -25.88
C MET C 112 -38.28 8.52 -25.61
N ASN C 113 -39.08 9.10 -26.52
CA ASN C 113 -40.52 9.03 -26.37
C ASN C 113 -40.98 7.59 -26.29
N GLU C 114 -40.33 6.71 -27.05
CA GLU C 114 -40.65 5.28 -26.96
C GLU C 114 -40.24 4.70 -25.63
N LEU C 115 -39.10 5.15 -25.12
CA LEU C 115 -38.55 4.60 -23.89
C LEU C 115 -39.38 5.06 -22.70
N ILE C 116 -39.87 6.29 -22.78
CA ILE C 116 -40.76 6.84 -21.77
C ILE C 116 -42.03 6.01 -21.71
N LYS C 117 -42.66 5.80 -22.87
CA LYS C 117 -43.84 4.95 -22.94
C LYS C 117 -43.56 3.57 -22.31
N ARG C 118 -42.41 3.01 -22.62
CA ARG C 118 -42.03 1.72 -22.02
C ARG C 118 -41.87 1.80 -20.50
N ALA C 119 -41.39 2.94 -20.03
CA ALA C 119 -41.18 3.17 -18.60
C ALA C 119 -42.50 3.24 -17.86
N VAL C 120 -43.44 4.00 -18.40
CA VAL C 120 -44.79 4.03 -17.86
C VAL C 120 -45.35 2.62 -17.73
N GLU C 121 -45.09 1.80 -18.73
CA GLU C 121 -45.63 0.45 -18.77
C GLU C 121 -44.85 -0.48 -17.83
N SER C 122 -43.65 -0.06 -17.43
CA SER C 122 -42.81 -0.93 -16.60
C SER C 122 -42.85 -0.54 -15.12
N GLU C 123 -43.77 0.37 -14.78
CA GLU C 123 -43.97 0.82 -13.41
C GLU C 123 -42.78 1.61 -12.89
N VAL C 124 -42.15 2.37 -13.77
CA VAL C 124 -41.03 3.20 -13.38
C VAL C 124 -41.61 4.47 -12.78
N HIS C 125 -40.96 5.02 -11.75
CA HIS C 125 -41.44 6.26 -11.18
C HIS C 125 -40.61 7.47 -11.59
N VAL C 126 -39.31 7.26 -11.70
CA VAL C 126 -38.41 8.33 -12.11
C VAL C 126 -37.38 7.80 -13.10
N MET C 127 -37.20 8.51 -14.21
CA MET C 127 -36.12 8.21 -15.12
C MET C 127 -35.15 9.34 -14.92
N VAL C 128 -33.89 8.98 -14.66
CA VAL C 128 -32.85 9.98 -14.54
C VAL C 128 -31.90 9.85 -15.72
N GLY C 129 -31.65 10.97 -16.39
CA GLY C 129 -30.62 10.98 -17.40
C GLY C 129 -29.45 11.72 -16.83
N CYS C 130 -28.25 11.17 -17.01
CA CYS C 130 -27.03 11.86 -16.61
C CYS C 130 -26.30 12.37 -17.84
N ILE C 131 -25.98 13.65 -17.83
CA ILE C 131 -25.61 14.40 -19.02
C ILE C 131 -24.47 15.37 -18.70
N ASP C 132 -23.54 15.54 -19.64
CA ASP C 132 -22.52 16.57 -19.48
C ASP C 132 -23.24 17.90 -19.44
N ALA C 133 -22.96 18.70 -18.41
CA ALA C 133 -23.64 19.97 -18.23
C ALA C 133 -23.42 20.94 -19.39
N THR C 134 -22.42 20.69 -20.23
CA THR C 134 -22.15 21.56 -21.38
C THR C 134 -22.91 21.13 -22.64
N ASN C 135 -23.53 19.96 -22.60
CA ASN C 135 -24.24 19.41 -23.77
C ASN C 135 -25.63 20.04 -23.96
N VAL C 136 -25.63 21.25 -24.51
CA VAL C 136 -26.84 22.04 -24.71
C VAL C 136 -27.95 21.24 -25.38
N ALA C 137 -27.60 20.51 -26.42
CA ALA C 137 -28.57 19.80 -27.24
C ALA C 137 -29.36 18.73 -26.47
N SER C 138 -28.67 17.92 -25.67
CA SER C 138 -29.35 16.87 -24.92
C SER C 138 -30.17 17.48 -23.77
N ILE C 139 -29.60 18.52 -23.16
CA ILE C 139 -30.32 19.28 -22.14
C ILE C 139 -31.63 19.75 -22.73
N GLN C 140 -31.57 20.39 -23.89
CA GLN C 140 -32.78 20.91 -24.52
C GLN C 140 -33.75 19.80 -24.93
N LEU C 141 -33.24 18.74 -25.53
CA LEU C 141 -34.09 17.60 -25.85
C LEU C 141 -34.84 17.10 -24.61
N HIS C 142 -34.10 16.90 -23.52
CA HIS C 142 -34.71 16.44 -22.28
C HIS C 142 -35.74 17.43 -21.73
N GLN C 143 -35.40 18.71 -21.72
CA GLN C 143 -36.36 19.74 -21.31
C GLN C 143 -37.63 19.65 -22.19
N LYS C 144 -37.44 19.50 -23.50
CA LYS C 144 -38.59 19.38 -24.40
C LYS C 144 -39.46 18.19 -24.03
N LEU C 145 -38.82 17.13 -23.56
CA LEU C 145 -39.51 15.89 -23.23
C LEU C 145 -40.14 15.92 -21.84
N GLY C 146 -39.92 17.01 -21.11
CA GLY C 146 -40.49 17.17 -19.78
C GLY C 146 -39.58 16.93 -18.58
N PHE C 147 -38.27 16.77 -18.82
CA PHE C 147 -37.32 16.53 -17.73
C PHE C 147 -36.96 17.84 -17.03
N ILE C 148 -36.69 17.77 -15.72
CA ILE C 148 -36.23 18.96 -14.99
C ILE C 148 -34.81 18.76 -14.49
N HIS C 149 -34.08 19.87 -14.39
CA HIS C 149 -32.71 19.82 -13.91
C HIS C 149 -32.68 19.61 -12.40
N SER C 150 -32.48 18.36 -11.99
CA SER C 150 -32.38 18.01 -10.56
C SER C 150 -31.14 18.64 -9.92
N GLY C 151 -30.00 18.55 -10.59
CA GLY C 151 -28.79 19.10 -10.05
C GLY C 151 -27.56 18.68 -10.82
N THR C 152 -26.40 19.19 -10.39
CA THR C 152 -25.16 18.90 -11.08
C THR C 152 -24.05 18.64 -10.08
N ILE C 153 -23.32 17.54 -10.27
CA ILE C 153 -22.10 17.34 -9.51
C ILE C 153 -20.98 17.94 -10.35
N GLN C 154 -20.52 19.10 -9.92
CA GLN C 154 -19.50 19.82 -10.66
C GLN C 154 -18.16 19.15 -10.50
N GLN C 155 -17.46 19.01 -11.62
CA GLN C 155 -16.13 18.44 -11.63
C GLN C 155 -16.10 17.02 -11.07
N ALA C 156 -17.21 16.30 -11.26
CA ALA C 156 -17.27 14.91 -10.82
C ALA C 156 -16.46 14.01 -11.76
N GLY C 157 -16.24 14.48 -12.99
CA GLY C 157 -15.53 13.66 -13.95
C GLY C 157 -14.29 14.36 -14.47
N PHE C 158 -13.40 13.58 -15.07
CA PHE C 158 -12.22 14.12 -15.68
C PHE C 158 -11.89 13.35 -16.94
N LYS C 159 -11.91 14.04 -18.07
CA LYS C 159 -11.67 13.39 -19.35
C LYS C 159 -11.22 14.44 -20.36
N PHE C 160 -10.39 14.05 -21.33
CA PHE C 160 -9.81 15.00 -22.29
C PHE C 160 -9.07 16.12 -21.57
N GLY C 161 -8.43 15.76 -20.46
CA GLY C 161 -7.64 16.70 -19.68
C GLY C 161 -8.42 17.83 -19.03
N ARG C 162 -9.73 17.65 -18.86
CA ARG C 162 -10.53 18.67 -18.18
C ARG C 162 -11.57 18.12 -17.19
N TRP C 163 -11.99 18.98 -16.28
CA TRP C 163 -13.01 18.62 -15.33
C TRP C 163 -14.38 18.63 -16.01
N LEU C 164 -15.18 17.63 -15.69
CA LEU C 164 -16.52 17.51 -16.25
C LEU C 164 -17.56 17.72 -15.16
N ASP C 165 -18.66 18.37 -15.54
CA ASP C 165 -19.82 18.54 -14.68
C ASP C 165 -20.87 17.54 -15.09
N ALA C 166 -21.26 16.66 -14.15
CA ALA C 166 -22.28 15.66 -14.45
C ALA C 166 -23.64 16.19 -14.03
N ALA C 167 -24.50 16.48 -15.01
CA ALA C 167 -25.84 17.00 -14.72
C ALA C 167 -26.85 15.87 -14.67
N PHE C 168 -27.82 15.97 -13.76
CA PHE C 168 -28.87 14.96 -13.67
C PHE C 168 -30.19 15.61 -14.00
N TYR C 169 -30.83 15.09 -15.03
CA TYR C 169 -32.15 15.52 -15.42
C TYR C 169 -33.10 14.39 -15.11
N GLN C 170 -34.29 14.73 -14.61
CA GLN C 170 -35.24 13.71 -14.17
C GLN C 170 -36.62 13.96 -14.75
N LEU C 171 -37.34 12.86 -14.93
CA LEU C 171 -38.71 12.87 -15.37
C LEU C 171 -39.49 12.01 -14.39
N THR C 172 -40.47 12.61 -13.74
CA THR C 172 -41.30 11.90 -12.76
C THR C 172 -42.60 11.47 -13.41
N LEU C 173 -42.88 10.18 -13.36
CA LEU C 173 -44.08 9.63 -13.98
C LEU C 173 -45.23 9.50 -12.98
N ASP C 174 -46.42 9.21 -13.51
CA ASP C 174 -47.62 9.02 -12.69
C ASP C 174 -47.65 7.61 -12.10
N THR C 175 -46.92 6.70 -12.74
CA THR C 175 -46.79 5.33 -12.27
C THR C 175 -45.62 5.25 -11.29
N PRO C 176 -45.54 4.17 -10.49
CA PRO C 176 -46.60 3.16 -10.36
C PRO C 176 -47.70 3.72 -9.46
N LEU C 177 -48.92 3.23 -9.61
CA LEU C 177 -50.02 3.72 -8.79
C LEU C 177 -49.85 3.22 -7.37
N HIS C 178 -49.37 1.99 -7.24
CA HIS C 178 -49.27 1.34 -5.95
C HIS C 178 -47.86 0.87 -5.63
N PRO C 179 -46.95 1.83 -5.32
CA PRO C 179 -45.58 1.46 -4.99
C PRO C 179 -45.60 0.70 -3.67
N GLN C 180 -44.64 -0.20 -3.46
CA GLN C 180 -44.55 -0.89 -2.19
C GLN C 180 -43.11 -1.29 -1.85
N ASP C 181 -42.73 -1.11 -0.59
CA ASP C 181 -41.45 -1.59 -0.09
C ASP C 181 -41.29 -3.01 -0.58
N ASP C 182 -40.06 -3.49 -0.62
CA ASP C 182 -39.80 -4.87 -0.98
C ASP C 182 -39.96 -5.77 0.23
N MET D 1 -13.74 21.93 34.89
CA MET D 1 -13.09 20.79 34.24
C MET D 1 -14.09 19.75 33.75
N PHE D 2 -13.58 18.74 33.04
CA PHE D 2 -14.40 17.63 32.54
C PHE D 2 -14.39 16.42 33.46
N SER D 3 -15.31 15.49 33.21
CA SER D 3 -15.41 14.26 33.98
C SER D 3 -16.12 13.21 33.12
N PRO D 4 -16.06 11.94 33.55
CA PRO D 4 -16.71 10.83 32.83
C PRO D 4 -18.23 10.96 32.85
N SER D 5 -18.72 11.93 33.62
CA SER D 5 -20.15 12.20 33.65
C SER D 5 -20.52 13.37 32.74
N THR D 6 -19.52 14.16 32.35
CA THR D 6 -19.77 15.30 31.47
C THR D 6 -19.23 15.12 30.05
N THR D 7 -18.42 14.09 29.84
CA THR D 7 -17.81 13.90 28.52
C THR D 7 -17.50 12.45 28.15
N THR D 8 -17.66 12.15 26.86
CA THR D 8 -17.25 10.87 26.32
C THR D 8 -15.88 11.03 25.68
N LEU D 9 -14.91 10.32 26.23
CA LEU D 9 -13.57 10.31 25.66
C LEU D 9 -13.57 9.29 24.52
N PHE D 10 -12.97 9.65 23.39
CA PHE D 10 -12.92 8.72 22.26
C PHE D 10 -11.68 8.95 21.43
N ARG D 11 -11.27 7.92 20.69
CA ARG D 11 -10.14 8.01 19.79
C ARG D 11 -10.53 7.43 18.43
N PHE D 12 -9.73 7.75 17.42
CA PHE D 12 -9.94 7.22 16.07
C PHE D 12 -9.25 5.88 15.93
N VAL D 13 -9.86 4.99 15.14
CA VAL D 13 -9.24 3.73 14.80
C VAL D 13 -9.51 3.41 13.32
N GLU D 14 -8.63 2.59 12.74
CA GLU D 14 -8.88 2.03 11.42
C GLU D 14 -9.65 0.74 11.57
N CYS D 15 -10.92 0.74 11.16
CA CYS D 15 -11.74 -0.45 11.30
C CYS D 15 -11.25 -1.61 10.44
N THR D 16 -11.30 -2.81 11.02
CA THR D 16 -10.93 -4.04 10.33
C THR D 16 -12.09 -5.01 10.44
N GLU D 17 -12.15 -5.96 9.51
CA GLU D 17 -13.23 -6.95 9.51
C GLU D 17 -13.18 -7.83 10.75
N ASP D 18 -11.96 -8.20 11.15
CA ASP D 18 -11.78 -9.01 12.35
C ASP D 18 -12.33 -8.31 13.60
N GLN D 19 -11.94 -7.05 13.81
CA GLN D 19 -12.28 -6.35 15.05
C GLN D 19 -13.67 -5.72 15.07
N HIS D 20 -14.22 -5.39 13.90
CA HIS D 20 -15.36 -4.48 13.87
C HIS D 20 -16.59 -4.95 13.09
N ALA D 21 -16.50 -6.09 12.41
CA ALA D 21 -17.60 -6.60 11.60
C ALA D 21 -18.94 -6.64 12.32
N LEU D 22 -18.95 -7.16 13.55
CA LEU D 22 -20.21 -7.35 14.27
C LEU D 22 -20.83 -6.02 14.64
N GLU D 23 -20.05 -5.16 15.29
CA GLU D 23 -20.52 -3.83 15.66
C GLU D 23 -20.98 -3.01 14.44
N ILE D 24 -20.17 -2.99 13.39
CA ILE D 24 -20.55 -2.34 12.15
C ILE D 24 -21.87 -2.91 11.63
N LEU D 25 -21.99 -4.24 11.65
CA LEU D 25 -23.23 -4.87 11.19
C LEU D 25 -24.44 -4.40 12.00
N GLU D 26 -24.25 -4.15 13.29
CA GLU D 26 -25.36 -3.81 14.16
C GLU D 26 -25.76 -2.35 13.97
N ILE D 27 -24.77 -1.52 13.66
CA ILE D 27 -25.00 -0.10 13.44
C ILE D 27 -25.74 0.08 12.10
N LEU D 28 -25.29 -0.60 11.07
CA LEU D 28 -25.96 -0.54 9.78
C LEU D 28 -27.42 -0.99 9.87
N ASN D 29 -27.65 -2.17 10.44
CA ASN D 29 -29.01 -2.70 10.51
C ASN D 29 -29.95 -1.80 11.28
N ASP D 30 -29.43 -1.11 12.28
CA ASP D 30 -30.26 -0.18 13.03
C ASP D 30 -30.71 0.96 12.12
N ALA D 31 -29.79 1.45 11.30
CA ALA D 31 -30.07 2.53 10.36
C ALA D 31 -31.02 2.05 9.26
N ILE D 32 -30.89 0.80 8.89
CA ILE D 32 -31.74 0.22 7.84
C ILE D 32 -33.18 0.13 8.32
N ILE D 33 -33.34 -0.30 9.56
CA ILE D 33 -34.68 -0.55 10.10
C ILE D 33 -35.41 0.73 10.53
N ASN D 34 -34.65 1.71 11.01
CA ASN D 34 -35.28 2.85 11.66
C ASN D 34 -35.17 4.20 10.95
N SER D 35 -34.38 4.27 9.88
CA SER D 35 -34.19 5.55 9.20
C SER D 35 -34.12 5.46 7.68
N THR D 36 -34.08 6.63 7.05
CA THR D 36 -33.91 6.73 5.60
C THR D 36 -32.44 6.87 5.23
N ALA D 37 -31.56 6.53 6.16
CA ALA D 37 -30.13 6.80 6.04
C ALA D 37 -29.40 5.77 5.21
N LEU D 38 -29.99 4.58 5.09
CA LEU D 38 -29.47 3.57 4.19
C LEU D 38 -30.66 3.12 3.37
N TYR D 39 -30.45 2.83 2.09
CA TYR D 39 -31.59 2.53 1.24
C TYR D 39 -31.88 1.04 1.09
N ASP D 40 -31.58 0.28 2.14
CA ASP D 40 -31.99 -1.11 2.25
C ASP D 40 -33.36 -1.24 2.92
N TYR D 41 -34.05 -2.37 2.67
CA TYR D 41 -35.29 -2.70 3.36
C TYR D 41 -35.04 -3.70 4.49
N LYS D 42 -34.34 -4.78 4.15
CA LYS D 42 -34.10 -5.87 5.10
C LYS D 42 -32.68 -5.80 5.65
N PRO D 43 -32.53 -6.18 6.94
CA PRO D 43 -31.20 -6.21 7.57
C PRO D 43 -30.19 -6.91 6.70
N ARG D 44 -28.93 -6.51 6.82
N ARG D 44 -28.93 -6.50 6.81
CA ARG D 44 -27.84 -7.13 6.06
CA ARG D 44 -27.84 -7.13 6.09
C ARG D 44 -27.34 -8.37 6.80
C ARG D 44 -27.44 -8.42 6.81
N SER D 45 -26.95 -9.39 6.05
CA SER D 45 -26.46 -10.63 6.65
C SER D 45 -25.02 -10.44 7.09
N LYS D 46 -24.48 -11.41 7.81
CA LYS D 46 -23.07 -11.40 8.15
C LYS D 46 -22.27 -11.61 6.86
N GLU D 47 -22.76 -12.53 6.02
CA GLU D 47 -22.13 -12.81 4.74
C GLU D 47 -21.99 -11.55 3.88
N SER D 48 -23.09 -10.81 3.76
CA SER D 48 -23.11 -9.59 2.97
C SER D 48 -22.09 -8.57 3.49
N MET D 49 -21.94 -8.55 4.81
CA MET D 49 -21.01 -7.63 5.46
C MET D 49 -19.55 -8.03 5.19
N ALA D 50 -19.33 -9.31 4.89
CA ALA D 50 -17.98 -9.80 4.59
C ALA D 50 -17.53 -9.36 3.21
N ALA D 51 -18.48 -9.30 2.28
CA ALA D 51 -18.19 -8.79 0.93
C ALA D 51 -17.93 -7.29 1.03
N TRP D 52 -18.79 -6.60 1.78
CA TRP D 52 -18.62 -5.19 2.08
C TRP D 52 -17.17 -4.92 2.49
N PHE D 53 -16.66 -5.68 3.44
CA PHE D 53 -15.28 -5.46 3.88
C PHE D 53 -14.30 -5.71 2.73
N ALA D 54 -14.61 -6.73 1.93
CA ALA D 54 -13.74 -7.11 0.82
C ALA D 54 -13.60 -5.97 -0.18
N THR D 55 -14.73 -5.43 -0.60
CA THR D 55 -14.77 -4.29 -1.53
C THR D 55 -13.86 -3.16 -1.05
N LYS D 56 -13.96 -2.83 0.23
CA LYS D 56 -13.22 -1.68 0.74
C LYS D 56 -11.72 -1.96 0.81
N ARG D 57 -11.36 -3.21 1.10
CA ARG D 57 -9.97 -3.65 1.11
C ARG D 57 -9.37 -3.58 -0.28
N GLN D 58 -9.97 -4.32 -1.21
CA GLN D 58 -9.53 -4.34 -2.59
C GLN D 58 -9.29 -2.92 -3.10
N ASN D 59 -10.19 -2.00 -2.76
CA ASN D 59 -10.15 -0.66 -3.32
C ASN D 59 -9.40 0.36 -2.48
N ASN D 60 -8.89 -0.07 -1.34
CA ASN D 60 -8.16 0.85 -0.48
C ASN D 60 -9.11 1.97 -0.02
N PHE D 61 -10.37 1.60 0.19
CA PHE D 61 -11.36 2.52 0.76
C PHE D 61 -11.21 2.54 2.27
N PRO D 62 -11.02 3.73 2.85
CA PRO D 62 -10.82 3.78 4.31
C PRO D 62 -12.10 3.46 5.08
N ILE D 63 -11.94 2.89 6.26
CA ILE D 63 -13.04 2.79 7.21
C ILE D 63 -12.53 3.36 8.53
N ILE D 64 -12.96 4.57 8.86
CA ILE D 64 -12.47 5.27 10.04
C ILE D 64 -13.50 5.18 11.18
N GLY D 65 -13.07 4.63 12.30
CA GLY D 65 -13.98 4.42 13.42
C GLY D 65 -13.68 5.31 14.61
N ALA D 66 -14.66 5.43 15.49
CA ALA D 66 -14.48 6.17 16.74
C ALA D 66 -14.77 5.23 17.89
N VAL D 67 -13.85 5.15 18.84
CA VAL D 67 -13.98 4.17 19.93
C VAL D 67 -13.89 4.84 21.29
N ASN D 68 -14.75 4.42 22.21
CA ASN D 68 -14.74 4.99 23.56
C ASN D 68 -13.66 4.33 24.43
N GLU D 69 -13.35 4.98 25.56
CA GLU D 69 -12.29 4.54 26.46
C GLU D 69 -12.34 3.02 26.64
N VAL D 70 -13.55 2.48 26.64
CA VAL D 70 -13.79 1.05 26.88
C VAL D 70 -13.62 0.13 25.65
N GLY D 71 -13.57 0.72 24.46
CA GLY D 71 -13.33 -0.07 23.25
C GLY D 71 -14.56 -0.28 22.37
N GLN D 72 -15.70 0.28 22.79
CA GLN D 72 -16.93 0.19 22.01
C GLN D 72 -16.88 1.08 20.76
N LEU D 73 -17.27 0.52 19.61
CA LEU D 73 -17.34 1.28 18.38
C LEU D 73 -18.49 2.29 18.44
N LEU D 74 -18.14 3.57 18.53
CA LEU D 74 -19.14 4.64 18.64
C LEU D 74 -19.77 4.98 17.30
N GLY D 75 -19.08 4.62 16.23
CA GLY D 75 -19.55 4.96 14.90
C GLY D 75 -18.39 4.94 13.95
N PHE D 76 -18.68 5.00 12.66
CA PHE D 76 -17.64 4.92 11.64
C PHE D 76 -17.97 5.77 10.40
N ALA D 77 -16.96 6.07 9.61
CA ALA D 77 -17.18 6.79 8.37
C ALA D 77 -16.38 6.08 7.30
N SER D 78 -16.81 6.20 6.06
CA SER D 78 -16.15 5.48 4.98
C SER D 78 -16.53 6.12 3.66
N TRP D 79 -15.87 5.71 2.58
CA TRP D 79 -16.34 6.07 1.24
C TRP D 79 -16.22 4.90 0.28
N GLY D 80 -16.88 5.04 -0.87
CA GLY D 80 -16.82 4.05 -1.92
C GLY D 80 -16.99 4.78 -3.25
N SER D 81 -17.14 4.01 -4.32
CA SER D 81 -17.34 4.61 -5.63
C SER D 81 -18.63 5.44 -5.61
N PHE D 82 -18.60 6.61 -6.25
CA PHE D 82 -19.82 7.38 -6.48
C PHE D 82 -20.57 6.83 -7.70
N ARG D 83 -19.94 6.85 -8.87
CA ARG D 83 -20.54 6.22 -10.05
C ARG D 83 -19.51 5.30 -10.71
N ALA D 84 -19.98 4.15 -11.19
CA ALA D 84 -19.09 3.09 -11.67
C ALA D 84 -18.62 3.26 -13.11
N PHE D 85 -17.83 4.31 -13.36
CA PHE D 85 -17.28 4.56 -14.68
C PHE D 85 -15.92 5.19 -14.50
N PRO D 86 -14.99 4.91 -15.41
CA PRO D 86 -13.58 5.29 -15.26
C PRO D 86 -13.34 6.77 -15.01
N ALA D 87 -14.06 7.68 -15.67
CA ALA D 87 -13.75 9.10 -15.54
C ALA D 87 -14.23 9.70 -14.22
N TYR D 88 -14.90 8.90 -13.38
CA TYR D 88 -15.28 9.33 -12.03
C TYR D 88 -14.20 8.99 -11.01
N LYS D 89 -13.00 8.67 -11.48
CA LYS D 89 -11.91 8.22 -10.59
C LYS D 89 -11.61 9.14 -9.39
N TYR D 90 -11.86 10.43 -9.54
CA TYR D 90 -11.50 11.38 -8.49
C TYR D 90 -12.68 11.75 -7.60
N THR D 91 -13.78 11.01 -7.74
CA THR D 91 -14.98 11.29 -6.96
C THR D 91 -15.30 10.09 -6.11
N VAL D 92 -15.52 10.32 -4.82
CA VAL D 92 -15.96 9.23 -3.96
C VAL D 92 -17.28 9.65 -3.32
N GLU D 93 -18.04 8.67 -2.87
CA GLU D 93 -19.24 8.94 -2.11
C GLU D 93 -19.00 8.39 -0.70
N HIS D 94 -19.22 9.22 0.31
CA HIS D 94 -18.92 8.87 1.69
C HIS D 94 -20.20 8.62 2.47
N SER D 95 -20.05 7.94 3.58
CA SER D 95 -21.15 7.75 4.52
C SER D 95 -20.61 7.73 5.94
N VAL D 96 -21.47 8.08 6.88
CA VAL D 96 -21.09 8.11 8.28
C VAL D 96 -22.27 7.65 9.12
N TYR D 97 -22.04 6.66 9.98
CA TYR D 97 -23.10 6.13 10.83
C TYR D 97 -22.70 6.22 12.29
N ILE D 98 -23.59 6.75 13.11
CA ILE D 98 -23.32 6.87 14.53
C ILE D 98 -24.18 5.89 15.29
N HIS D 99 -23.58 5.23 16.28
CA HIS D 99 -24.30 4.26 17.11
C HIS D 99 -25.50 4.94 17.78
N LYS D 100 -26.59 4.19 17.95
CA LYS D 100 -27.87 4.72 18.43
C LYS D 100 -27.80 5.42 19.79
N ASP D 101 -26.90 4.96 20.65
CA ASP D 101 -26.75 5.55 21.98
C ASP D 101 -25.89 6.80 21.99
N TYR D 102 -25.13 7.02 20.91
CA TYR D 102 -24.17 8.13 20.93
C TYR D 102 -24.47 9.23 19.94
N ARG D 103 -25.72 9.32 19.50
CA ARG D 103 -26.10 10.38 18.58
C ARG D 103 -26.26 11.69 19.33
N GLY D 104 -26.08 12.81 18.63
CA GLY D 104 -26.25 14.11 19.24
C GLY D 104 -25.00 14.65 19.92
N LEU D 105 -23.91 13.89 19.87
CA LEU D 105 -22.69 14.25 20.60
C LEU D 105 -21.59 14.90 19.75
N GLY D 106 -21.82 15.03 18.44
CA GLY D 106 -20.84 15.62 17.55
C GLY D 106 -19.84 14.62 17.01
N LEU D 107 -20.19 13.34 17.15
CA LEU D 107 -19.36 12.29 16.59
C LEU D 107 -19.28 12.36 15.05
N SER D 108 -20.41 12.65 14.40
CA SER D 108 -20.50 12.71 12.94
C SER D 108 -19.50 13.70 12.41
N LYS D 109 -19.38 14.81 13.10
CA LYS D 109 -18.56 15.89 12.64
C LYS D 109 -17.09 15.51 12.76
N HIS D 110 -16.71 14.91 13.89
CA HIS D 110 -15.35 14.42 14.11
C HIS D 110 -14.94 13.40 13.04
N LEU D 111 -15.78 12.40 12.84
CA LEU D 111 -15.50 11.38 11.83
C LEU D 111 -15.42 12.01 10.44
N MET D 112 -16.36 12.88 10.11
CA MET D 112 -16.32 13.56 8.82
C MET D 112 -15.02 14.36 8.67
N ASN D 113 -14.63 15.09 9.72
CA ASN D 113 -13.38 15.83 9.65
C ASN D 113 -12.19 14.93 9.37
N GLU D 114 -12.15 13.78 10.01
CA GLU D 114 -11.04 12.87 9.81
C GLU D 114 -11.11 12.25 8.40
N LEU D 115 -12.31 11.89 7.95
CA LEU D 115 -12.49 11.35 6.59
C LEU D 115 -12.06 12.34 5.52
N ILE D 116 -12.36 13.62 5.73
CA ILE D 116 -12.00 14.64 4.75
C ILE D 116 -10.49 14.81 4.67
N LYS D 117 -9.83 14.77 5.83
CA LYS D 117 -8.38 14.78 5.89
C LYS D 117 -7.84 13.61 5.07
N ARG D 118 -8.43 12.44 5.24
CA ARG D 118 -8.02 11.26 4.49
C ARG D 118 -8.22 11.42 2.98
N ALA D 119 -9.31 12.09 2.58
CA ALA D 119 -9.60 12.34 1.17
C ALA D 119 -8.50 13.18 0.54
N VAL D 120 -8.10 14.24 1.24
CA VAL D 120 -7.03 15.12 0.76
C VAL D 120 -5.74 14.34 0.51
N GLU D 121 -5.45 13.39 1.40
CA GLU D 121 -4.27 12.54 1.23
C GLU D 121 -4.45 11.56 0.10
N SER D 122 -5.70 11.21 -0.21
CA SER D 122 -5.95 10.17 -1.20
C SER D 122 -6.19 10.75 -2.59
N GLU D 123 -5.90 12.04 -2.73
CA GLU D 123 -5.99 12.76 -4.00
C GLU D 123 -7.41 12.77 -4.56
N VAL D 124 -8.38 12.71 -3.66
CA VAL D 124 -9.78 12.86 -4.01
C VAL D 124 -10.02 14.28 -4.47
N HIS D 125 -10.83 14.45 -5.52
CA HIS D 125 -11.21 15.78 -5.96
C HIS D 125 -12.57 16.19 -5.40
N VAL D 126 -13.51 15.26 -5.41
CA VAL D 126 -14.87 15.54 -4.96
C VAL D 126 -15.39 14.43 -4.03
N MET D 127 -15.95 14.83 -2.89
CA MET D 127 -16.69 13.90 -2.05
C MET D 127 -18.16 14.19 -2.19
N VAL D 128 -18.95 13.18 -2.50
CA VAL D 128 -20.40 13.36 -2.60
C VAL D 128 -21.12 12.67 -1.47
N GLY D 129 -21.98 13.40 -0.78
CA GLY D 129 -22.90 12.79 0.17
C GLY D 129 -24.32 12.78 -0.37
N CYS D 130 -24.99 11.65 -0.23
CA CYS D 130 -26.36 11.53 -0.65
C CYS D 130 -27.29 11.43 0.58
N ILE D 131 -28.12 12.45 0.77
CA ILE D 131 -28.89 12.63 2.01
C ILE D 131 -30.39 12.78 1.72
N ASP D 132 -31.24 12.11 2.49
CA ASP D 132 -32.68 12.39 2.45
C ASP D 132 -32.88 13.90 2.61
N ALA D 133 -33.61 14.53 1.70
CA ALA D 133 -33.73 15.98 1.71
C ALA D 133 -34.41 16.53 2.97
N THR D 134 -35.09 15.66 3.71
CA THR D 134 -35.76 16.12 4.94
C THR D 134 -34.84 16.03 6.16
N ASN D 135 -33.64 15.51 5.95
CA ASN D 135 -32.74 15.28 7.07
C ASN D 135 -31.95 16.50 7.44
N VAL D 136 -32.60 17.41 8.14
CA VAL D 136 -32.03 18.71 8.47
C VAL D 136 -30.66 18.58 9.15
N ALA D 137 -30.56 17.73 10.16
CA ALA D 137 -29.30 17.67 10.93
C ALA D 137 -28.11 17.23 10.07
N SER D 138 -28.33 16.30 9.16
CA SER D 138 -27.23 15.81 8.34
C SER D 138 -26.82 16.86 7.30
N ILE D 139 -27.81 17.50 6.68
CA ILE D 139 -27.52 18.61 5.78
C ILE D 139 -26.74 19.73 6.45
N GLN D 140 -27.20 20.18 7.60
CA GLN D 140 -26.54 21.23 8.35
C GLN D 140 -25.10 20.83 8.64
N LEU D 141 -24.90 19.57 9.02
CA LEU D 141 -23.56 19.07 9.29
C LEU D 141 -22.69 19.18 8.05
N HIS D 142 -23.23 18.78 6.90
CA HIS D 142 -22.47 18.86 5.65
C HIS D 142 -22.18 20.30 5.26
N GLN D 143 -23.14 21.18 5.46
CA GLN D 143 -22.90 22.59 5.19
C GLN D 143 -21.79 23.16 6.07
N LYS D 144 -21.79 22.77 7.33
CA LYS D 144 -20.78 23.33 8.24
C LYS D 144 -19.38 22.85 7.88
N LEU D 145 -19.30 21.72 7.18
CA LEU D 145 -18.01 21.22 6.73
C LEU D 145 -17.66 21.76 5.35
N GLY D 146 -18.54 22.57 4.78
CA GLY D 146 -18.24 23.22 3.51
C GLY D 146 -18.81 22.52 2.30
N PHE D 147 -19.62 21.49 2.50
CA PHE D 147 -20.33 20.87 1.38
C PHE D 147 -21.32 21.86 0.82
N ILE D 148 -21.57 21.74 -0.47
CA ILE D 148 -22.54 22.57 -1.15
C ILE D 148 -23.61 21.69 -1.76
N HIS D 149 -24.84 22.19 -1.74
CA HIS D 149 -25.98 21.50 -2.32
C HIS D 149 -25.85 21.41 -3.84
N SER D 150 -25.72 20.21 -4.39
CA SER D 150 -25.50 20.06 -5.83
C SER D 150 -26.83 19.93 -6.58
N GLY D 151 -27.86 19.51 -5.86
CA GLY D 151 -29.17 19.35 -6.40
C GLY D 151 -29.87 18.21 -5.70
N THR D 152 -31.11 17.96 -6.08
CA THR D 152 -31.94 16.97 -5.42
C THR D 152 -32.80 16.22 -6.42
N ILE D 153 -32.73 14.90 -6.40
CA ILE D 153 -33.60 14.09 -7.27
C ILE D 153 -34.90 13.74 -6.53
N GLN D 154 -35.97 14.45 -6.88
CA GLN D 154 -37.22 14.33 -6.16
C GLN D 154 -37.82 12.95 -6.34
N GLN D 155 -38.30 12.38 -5.24
CA GLN D 155 -39.01 11.10 -5.23
C GLN D 155 -38.18 9.99 -5.84
N ALA D 156 -36.86 10.12 -5.74
CA ALA D 156 -35.94 9.10 -6.22
C ALA D 156 -36.02 7.82 -5.40
N GLY D 157 -36.34 7.94 -4.13
CA GLY D 157 -36.39 6.77 -3.26
C GLY D 157 -37.78 6.37 -2.79
N PHE D 158 -37.94 5.12 -2.39
CA PHE D 158 -39.20 4.72 -1.79
C PHE D 158 -38.92 3.86 -0.56
N LYS D 159 -39.41 4.31 0.59
CA LYS D 159 -39.26 3.58 1.83
C LYS D 159 -40.34 3.98 2.84
N PHE D 160 -40.75 3.02 3.67
CA PHE D 160 -41.80 3.25 4.64
C PHE D 160 -43.08 3.71 3.95
N GLY D 161 -43.31 3.20 2.74
CA GLY D 161 -44.52 3.50 2.00
C GLY D 161 -44.58 4.90 1.41
N ARG D 162 -43.45 5.60 1.32
CA ARG D 162 -43.48 6.95 0.78
C ARG D 162 -42.27 7.33 -0.07
N TRP D 163 -42.50 8.22 -1.02
CA TRP D 163 -41.46 8.75 -1.89
C TRP D 163 -40.50 9.62 -1.09
N LEU D 164 -39.21 9.44 -1.35
CA LEU D 164 -38.19 10.24 -0.68
C LEU D 164 -37.40 11.02 -1.71
N ASP D 165 -36.95 12.20 -1.32
CA ASP D 165 -36.11 13.03 -2.15
C ASP D 165 -34.66 12.76 -1.75
N ALA D 166 -33.81 12.52 -2.74
CA ALA D 166 -32.40 12.29 -2.48
C ALA D 166 -31.60 13.56 -2.79
N ALA D 167 -31.14 14.25 -1.76
CA ALA D 167 -30.37 15.47 -1.97
C ALA D 167 -28.89 15.11 -2.11
N PHE D 168 -28.20 15.81 -3.00
CA PHE D 168 -26.78 15.57 -3.18
C PHE D 168 -25.97 16.75 -2.70
N TYR D 169 -25.00 16.45 -1.84
CA TYR D 169 -24.07 17.47 -1.38
C TYR D 169 -22.66 17.06 -1.77
N GLN D 170 -21.86 18.03 -2.20
CA GLN D 170 -20.51 17.71 -2.64
C GLN D 170 -19.51 18.67 -2.04
N LEU D 171 -18.31 18.17 -1.82
CA LEU D 171 -17.22 19.00 -1.34
C LEU D 171 -16.08 18.87 -2.35
N THR D 172 -15.65 20.00 -2.90
CA THR D 172 -14.57 19.98 -3.89
C THR D 172 -13.23 20.32 -3.25
N LEU D 173 -12.25 19.43 -3.42
CA LEU D 173 -10.96 19.57 -2.79
C LEU D 173 -9.97 20.20 -3.77
N ASP D 174 -8.84 20.67 -3.23
CA ASP D 174 -7.76 21.23 -4.05
C ASP D 174 -6.95 20.15 -4.75
N THR D 175 -6.99 18.94 -4.21
CA THR D 175 -6.36 17.80 -4.88
C THR D 175 -7.33 17.20 -5.89
N PRO D 176 -6.80 16.43 -6.86
CA PRO D 176 -5.37 16.15 -7.02
C PRO D 176 -4.68 17.31 -7.74
N LEU D 177 -3.39 17.52 -7.50
CA LEU D 177 -2.66 18.58 -8.17
C LEU D 177 -2.47 18.29 -9.66
N HIS D 178 -2.31 17.01 -10.02
CA HIS D 178 -2.12 16.67 -11.42
C HIS D 178 -3.07 15.59 -11.93
N PRO D 179 -4.35 15.96 -12.14
CA PRO D 179 -5.37 15.07 -12.67
C PRO D 179 -5.00 14.62 -14.07
N GLN D 180 -5.17 13.33 -14.36
CA GLN D 180 -4.84 12.77 -15.66
C GLN D 180 -5.86 11.73 -16.07
N ASP D 181 -6.14 11.65 -17.38
CA ASP D 181 -6.95 10.56 -17.93
C ASP D 181 -6.27 9.22 -17.61
N ASP D 182 -7.01 8.13 -17.71
CA ASP D 182 -6.41 6.79 -17.60
C ASP D 182 -5.65 6.48 -18.89
N PRO E 4 -23.78 12.07 29.58
CA PRO E 4 -22.80 13.08 29.12
C PRO E 4 -23.25 13.76 27.83
N SER E 5 -23.09 15.08 27.76
CA SER E 5 -23.48 15.86 26.59
C SER E 5 -22.33 16.07 25.59
N THR E 6 -21.10 15.85 26.05
CA THR E 6 -19.90 16.20 25.26
C THR E 6 -19.10 15.00 24.72
N THR E 7 -18.32 15.24 23.66
CA THR E 7 -17.25 14.33 23.25
C THR E 7 -15.89 15.00 23.37
N THR E 8 -14.91 14.22 23.80
CA THR E 8 -13.52 14.70 23.84
C THR E 8 -12.66 13.70 23.06
N LEU E 9 -12.01 14.19 22.00
CA LEU E 9 -11.14 13.33 21.22
C LEU E 9 -9.75 13.32 21.83
N PHE E 10 -9.11 12.16 21.85
CA PHE E 10 -7.67 12.14 22.06
C PHE E 10 -6.97 11.41 20.93
N ARG E 11 -5.83 11.94 20.52
CA ARG E 11 -4.99 11.26 19.56
C ARG E 11 -3.53 11.48 19.95
N PHE E 12 -2.69 10.48 19.70
CA PHE E 12 -1.30 10.55 20.14
C PHE E 12 -0.43 11.30 19.15
N VAL E 13 0.44 12.15 19.68
CA VAL E 13 1.41 12.87 18.87
C VAL E 13 2.74 12.80 19.59
N GLU E 14 3.83 13.03 18.86
CA GLU E 14 5.13 13.18 19.49
C GLU E 14 5.24 14.63 19.89
N CYS E 15 5.50 14.88 21.17
CA CYS E 15 5.63 16.25 21.64
C CYS E 15 6.98 16.79 21.26
N THR E 16 7.00 18.06 20.88
CA THR E 16 8.24 18.75 20.56
C THR E 16 8.29 20.07 21.32
N GLU E 17 9.49 20.61 21.47
CA GLU E 17 9.67 21.85 22.21
C GLU E 17 8.90 23.01 21.57
N ASP E 18 9.16 23.26 20.30
CA ASP E 18 8.60 24.42 19.61
C ASP E 18 7.08 24.39 19.59
N GLN E 19 6.52 23.23 19.89
CA GLN E 19 5.09 23.03 19.74
C GLN E 19 4.38 22.93 21.10
N HIS E 20 5.09 22.41 22.09
CA HIS E 20 4.43 22.04 23.34
C HIS E 20 5.09 22.55 24.64
N ALA E 21 6.18 23.30 24.53
CA ALA E 21 6.93 23.65 25.72
C ALA E 21 6.05 24.39 26.72
N LEU E 22 5.21 25.29 26.21
CA LEU E 22 4.42 26.10 27.10
C LEU E 22 3.35 25.27 27.79
N GLU E 23 2.62 24.46 27.03
CA GLU E 23 1.58 23.63 27.61
C GLU E 23 2.14 22.67 28.63
N ILE E 24 3.31 22.13 28.33
CA ILE E 24 3.96 21.20 29.22
C ILE E 24 4.42 21.90 30.49
N LEU E 25 4.99 23.09 30.33
CA LEU E 25 5.43 23.87 31.49
C LEU E 25 4.27 24.15 32.46
N GLU E 26 3.14 24.62 31.91
CA GLU E 26 1.97 24.87 32.72
C GLU E 26 1.44 23.60 33.42
N ILE E 27 1.56 22.46 32.76
CA ILE E 27 1.13 21.22 33.40
C ILE E 27 2.08 20.87 34.55
N LEU E 28 3.37 20.99 34.32
CA LEU E 28 4.32 20.62 35.36
C LEU E 28 4.23 21.57 36.57
N ASN E 29 4.15 22.86 36.29
CA ASN E 29 4.04 23.85 37.35
C ASN E 29 2.83 23.63 38.20
N ASP E 30 1.71 23.29 37.57
CA ASP E 30 0.51 22.96 38.33
C ASP E 30 0.75 21.76 39.24
N ALA E 31 1.38 20.72 38.70
CA ALA E 31 1.73 19.52 39.47
C ALA E 31 2.63 19.88 40.65
N ILE E 32 3.58 20.77 40.41
CA ILE E 32 4.53 21.17 41.44
C ILE E 32 3.88 21.96 42.57
N ILE E 33 3.07 22.94 42.23
CA ILE E 33 2.45 23.77 43.25
C ILE E 33 1.41 22.99 44.04
N ASN E 34 0.70 22.09 43.36
CA ASN E 34 -0.47 21.50 43.98
C ASN E 34 -0.36 20.08 44.49
N SER E 35 0.74 19.39 44.22
CA SER E 35 0.77 17.97 44.49
C SER E 35 2.18 17.44 44.77
N THR E 36 2.26 16.16 45.04
CA THR E 36 3.55 15.49 45.27
C THR E 36 3.96 14.68 44.05
N ALA E 37 3.31 14.88 42.91
CA ALA E 37 3.69 14.18 41.69
C ALA E 37 5.08 14.63 41.21
N LEU E 38 5.45 15.86 41.50
CA LEU E 38 6.82 16.32 41.29
C LEU E 38 7.44 16.70 42.62
N TYR E 39 8.68 16.27 42.84
CA TYR E 39 9.36 16.52 44.10
C TYR E 39 10.10 17.87 44.09
N ASP E 40 9.70 18.75 43.19
CA ASP E 40 10.13 20.14 43.21
C ASP E 40 9.30 20.91 44.20
N TYR E 41 9.88 21.97 44.75
CA TYR E 41 9.12 22.88 45.60
C TYR E 41 8.67 24.06 44.75
N LYS E 42 9.56 24.53 43.90
CA LYS E 42 9.33 25.76 43.16
C LYS E 42 9.09 25.54 41.68
N PRO E 43 8.21 26.34 41.08
CA PRO E 43 7.85 26.19 39.66
C PRO E 43 9.07 26.23 38.73
N ARG E 44 8.93 25.60 37.57
CA ARG E 44 10.00 25.56 36.58
C ARG E 44 9.93 26.83 35.77
N SER E 45 11.09 27.30 35.32
CA SER E 45 11.15 28.41 34.37
C SER E 45 11.10 27.91 32.94
N LYS E 46 10.71 28.79 32.02
CA LYS E 46 10.70 28.46 30.60
C LYS E 46 12.12 28.13 30.15
N GLU E 47 13.10 28.74 30.82
CA GLU E 47 14.51 28.44 30.55
C GLU E 47 14.80 27.00 30.98
N SER E 48 14.40 26.65 32.20
CA SER E 48 14.62 25.32 32.73
C SER E 48 14.04 24.24 31.83
N MET E 49 13.05 24.62 31.03
CA MET E 49 12.37 23.69 30.15
C MET E 49 13.15 23.45 28.86
N ALA E 50 14.23 24.18 28.68
CA ALA E 50 15.04 24.06 27.48
C ALA E 50 16.01 22.90 27.62
N ALA E 51 16.57 22.76 28.82
CA ALA E 51 17.45 21.65 29.11
C ALA E 51 16.66 20.34 29.22
N TRP E 52 15.43 20.43 29.72
CA TRP E 52 14.55 19.28 29.88
C TRP E 52 14.30 18.63 28.51
N PHE E 53 13.94 19.46 27.54
CA PHE E 53 13.77 19.01 26.17
C PHE E 53 15.08 18.55 25.52
N ALA E 54 16.14 19.33 25.72
CA ALA E 54 17.41 19.03 25.11
C ALA E 54 17.89 17.66 25.58
N THR E 55 17.75 17.40 26.87
CA THR E 55 18.18 16.14 27.46
C THR E 55 17.44 14.96 26.81
N LYS E 56 16.15 15.14 26.55
CA LYS E 56 15.36 14.07 25.94
C LYS E 56 15.70 13.85 24.45
N ARG E 57 15.96 14.93 23.74
CA ARG E 57 16.41 14.86 22.36
C ARG E 57 17.70 14.07 22.24
N GLN E 58 18.68 14.40 23.07
CA GLN E 58 20.02 13.81 22.98
C GLN E 58 20.15 12.43 23.62
N ASN E 59 19.04 11.89 24.12
CA ASN E 59 19.01 10.53 24.65
C ASN E 59 17.95 9.74 23.92
N ASN E 60 17.31 10.38 22.95
CA ASN E 60 16.16 9.79 22.30
C ASN E 60 15.17 9.24 23.33
N PHE E 61 14.89 10.05 24.35
CA PHE E 61 13.81 9.77 25.27
C PHE E 61 12.53 10.29 24.61
N PRO E 62 11.49 9.45 24.54
CA PRO E 62 10.26 9.85 23.85
C PRO E 62 9.40 10.75 24.73
N ILE E 63 8.56 11.55 24.09
CA ILE E 63 7.58 12.38 24.78
C ILE E 63 6.27 12.23 24.01
N ILE E 64 5.39 11.36 24.50
CA ILE E 64 4.14 11.07 23.84
C ILE E 64 3.03 11.89 24.46
N GLY E 65 2.36 12.68 23.64
CA GLY E 65 1.30 13.53 24.14
C GLY E 65 -0.04 13.06 23.63
N ALA E 66 -1.10 13.46 24.32
CA ALA E 66 -2.47 13.25 23.84
C ALA E 66 -3.05 14.62 23.56
N VAL E 67 -3.58 14.81 22.35
CA VAL E 67 -4.18 16.10 22.00
C VAL E 67 -5.63 15.91 21.61
N ASN E 68 -6.44 16.95 21.85
CA ASN E 68 -7.85 16.88 21.51
C ASN E 68 -8.07 17.31 20.05
N GLU E 69 -9.33 17.32 19.62
CA GLU E 69 -9.68 17.69 18.23
C GLU E 69 -8.97 18.95 17.76
N VAL E 70 -8.63 19.83 18.71
CA VAL E 70 -8.09 21.16 18.42
C VAL E 70 -6.57 21.21 18.54
N GLY E 71 -5.98 20.14 19.04
CA GLY E 71 -4.54 20.11 19.23
C GLY E 71 -4.10 20.66 20.58
N GLN E 72 -5.06 20.90 21.47
CA GLN E 72 -4.74 21.20 22.87
C GLN E 72 -4.06 20.00 23.54
N LEU E 73 -2.93 20.22 24.19
CA LEU E 73 -2.27 19.12 24.89
C LEU E 73 -3.04 18.70 26.15
N LEU E 74 -3.58 17.50 26.14
CA LEU E 74 -4.41 17.00 27.24
C LEU E 74 -3.57 16.34 28.33
N GLY E 75 -2.36 15.94 27.97
CA GLY E 75 -1.52 15.15 28.84
C GLY E 75 -0.36 14.59 28.04
N PHE E 76 0.64 14.08 28.74
CA PHE E 76 1.79 13.50 28.07
C PHE E 76 2.47 12.51 29.01
N ALA E 77 3.27 11.63 28.42
CA ALA E 77 4.04 10.67 29.18
C ALA E 77 5.44 10.62 28.60
N SER E 78 6.44 10.37 29.45
CA SER E 78 7.81 10.31 28.99
C SER E 78 8.61 9.39 29.89
N TRP E 79 9.85 9.12 29.51
CA TRP E 79 10.77 8.46 30.43
C TRP E 79 12.17 9.08 30.36
N GLY E 80 13.00 8.74 31.33
CA GLY E 80 14.34 9.25 31.40
C GLY E 80 15.15 8.24 32.18
N SER E 81 16.41 8.57 32.47
CA SER E 81 17.25 7.68 33.24
C SER E 81 16.64 7.41 34.62
N PHE E 82 16.65 6.16 35.05
CA PHE E 82 16.23 5.82 36.42
C PHE E 82 17.38 6.06 37.40
N ARG E 83 18.49 5.35 37.20
CA ARG E 83 19.72 5.64 37.94
C ARG E 83 20.85 5.86 36.94
N ALA E 84 21.66 6.88 37.19
CA ALA E 84 22.70 7.28 36.24
C ALA E 84 23.99 6.47 36.35
N PHE E 85 23.94 5.19 35.99
CA PHE E 85 25.13 4.35 35.87
C PHE E 85 24.91 3.41 34.71
N PRO E 86 25.99 3.06 33.99
CA PRO E 86 25.90 2.31 32.73
C PRO E 86 25.10 1.02 32.85
N ALA E 87 25.25 0.33 33.97
CA ALA E 87 24.59 -0.95 34.14
C ALA E 87 23.07 -0.83 34.30
N TYR E 88 22.56 0.38 34.49
CA TYR E 88 21.11 0.60 34.55
C TYR E 88 20.58 0.98 33.20
N LYS E 89 21.34 0.69 32.15
CA LYS E 89 21.01 1.17 30.82
C LYS E 89 19.72 0.63 30.21
N TYR E 90 19.16 -0.40 30.81
CA TYR E 90 17.93 -0.99 30.25
C TYR E 90 16.73 -0.70 31.13
N THR E 91 16.98 0.12 32.16
CA THR E 91 15.94 0.51 33.11
C THR E 91 15.64 1.99 32.92
N VAL E 92 14.37 2.32 32.73
CA VAL E 92 13.99 3.73 32.59
C VAL E 92 13.04 4.13 33.70
N GLU E 93 13.04 5.42 34.03
CA GLU E 93 12.00 5.92 34.91
C GLU E 93 11.01 6.74 34.10
N HIS E 94 9.73 6.41 34.24
CA HIS E 94 8.72 7.06 33.42
C HIS E 94 7.81 7.91 34.28
N SER E 95 7.10 8.81 33.62
N SER E 95 7.13 8.85 33.64
CA SER E 95 6.11 9.65 34.28
CA SER E 95 6.11 9.66 34.30
C SER E 95 5.04 10.02 33.28
C SER E 95 5.04 10.04 33.29
N VAL E 96 3.81 10.18 33.78
CA VAL E 96 2.68 10.59 32.95
C VAL E 96 2.02 11.74 33.72
N TYR E 97 1.67 12.83 33.01
CA TYR E 97 1.02 13.98 33.64
C TYR E 97 -0.20 14.32 32.81
N ILE E 98 -1.34 14.46 33.47
CA ILE E 98 -2.58 14.80 32.79
C ILE E 98 -3.00 16.22 33.15
N HIS E 99 -3.44 16.97 32.14
CA HIS E 99 -3.91 18.32 32.37
C HIS E 99 -5.07 18.32 33.37
N LYS E 100 -5.08 19.31 34.27
CA LYS E 100 -6.06 19.35 35.36
C LYS E 100 -7.52 19.31 34.91
N ASP E 101 -7.81 19.76 33.68
CA ASP E 101 -9.20 19.74 33.22
C ASP E 101 -9.64 18.42 32.64
N TYR E 102 -8.70 17.49 32.53
CA TYR E 102 -9.01 16.23 31.88
C TYR E 102 -8.67 15.03 32.73
N ARG E 103 -8.41 15.26 34.01
CA ARG E 103 -8.16 14.16 34.92
C ARG E 103 -9.42 13.35 35.16
N GLY E 104 -9.22 12.06 35.42
CA GLY E 104 -10.29 11.18 35.78
C GLY E 104 -11.01 10.60 34.57
N LEU E 105 -10.39 10.66 33.40
CA LEU E 105 -11.03 10.18 32.17
C LEU E 105 -10.37 8.92 31.62
N GLY E 106 -9.26 8.50 32.23
CA GLY E 106 -8.58 7.31 31.76
C GLY E 106 -7.51 7.61 30.72
N LEU E 107 -7.11 8.86 30.61
CA LEU E 107 -6.03 9.25 29.71
C LEU E 107 -4.69 8.70 30.14
N SER E 108 -4.45 8.72 31.44
CA SER E 108 -3.21 8.22 32.03
C SER E 108 -2.93 6.82 31.53
N LYS E 109 -3.95 5.99 31.61
CA LYS E 109 -3.85 4.60 31.20
C LYS E 109 -3.54 4.49 29.71
N HIS E 110 -4.24 5.26 28.88
CA HIS E 110 -4.00 5.19 27.45
C HIS E 110 -2.60 5.69 27.09
N LEU E 111 -2.15 6.74 27.76
CA LEU E 111 -0.79 7.22 27.54
C LEU E 111 0.27 6.23 28.03
N MET E 112 0.03 5.59 29.16
CA MET E 112 0.95 4.54 29.63
C MET E 112 1.03 3.38 28.66
N ASN E 113 -0.12 2.90 28.17
CA ASN E 113 -0.09 1.80 27.21
C ASN E 113 0.70 2.13 25.97
N GLU E 114 0.55 3.35 25.47
CA GLU E 114 1.38 3.77 24.37
C GLU E 114 2.86 3.88 24.74
N LEU E 115 3.15 4.34 25.96
CA LEU E 115 4.54 4.49 26.38
C LEU E 115 5.20 3.12 26.57
N ILE E 116 4.42 2.16 27.05
CA ILE E 116 4.88 0.79 27.18
C ILE E 116 5.18 0.15 25.83
N LYS E 117 4.34 0.42 24.84
CA LYS E 117 4.60 -0.09 23.51
C LYS E 117 5.90 0.51 22.98
N ARG E 118 6.09 1.81 23.14
CA ARG E 118 7.33 2.46 22.75
C ARG E 118 8.53 1.86 23.48
N ALA E 119 8.34 1.51 24.75
CA ALA E 119 9.39 0.93 25.55
C ALA E 119 9.79 -0.43 24.97
N VAL E 120 8.79 -1.26 24.65
CA VAL E 120 9.07 -2.52 24.01
C VAL E 120 9.88 -2.26 22.73
N GLU E 121 9.53 -1.19 22.01
CA GLU E 121 10.16 -0.89 20.73
C GLU E 121 11.53 -0.29 20.90
N SER E 122 11.83 0.21 22.09
CA SER E 122 13.13 0.84 22.32
C SER E 122 14.09 -0.09 23.07
N GLU E 123 13.71 -1.36 23.20
CA GLU E 123 14.55 -2.37 23.84
C GLU E 123 14.77 -2.10 25.34
N VAL E 124 13.82 -1.43 25.97
CA VAL E 124 13.82 -1.23 27.41
C VAL E 124 13.52 -2.58 28.11
N HIS E 125 14.14 -2.81 29.25
CA HIS E 125 13.86 -4.03 30.01
C HIS E 125 12.96 -3.81 31.22
N VAL E 126 13.17 -2.69 31.90
CA VAL E 126 12.38 -2.39 33.08
C VAL E 126 11.94 -0.93 33.07
N MET E 127 10.65 -0.69 33.26
CA MET E 127 10.15 0.66 33.45
C MET E 127 9.83 0.80 34.91
N VAL E 128 10.32 1.88 35.52
CA VAL E 128 10.04 2.13 36.91
C VAL E 128 9.23 3.40 37.13
N GLY E 129 8.14 3.28 37.87
CA GLY E 129 7.40 4.46 38.27
C GLY E 129 7.68 4.71 39.73
N CYS E 130 8.05 5.96 40.06
N CYS E 130 7.98 5.97 40.05
CA CYS E 130 8.20 6.36 41.45
CA CYS E 130 8.20 6.40 41.43
C CYS E 130 7.02 7.22 41.86
C CYS E 130 7.02 7.24 41.88
N ILE E 131 6.22 6.70 42.79
CA ILE E 131 4.96 7.32 43.16
C ILE E 131 4.90 7.63 44.65
N ASP E 132 4.21 8.71 44.99
CA ASP E 132 3.85 8.96 46.38
C ASP E 132 2.99 7.77 46.79
N ALA E 133 3.39 7.11 47.87
CA ALA E 133 2.75 5.84 48.26
C ALA E 133 1.33 6.03 48.77
N THR E 134 0.91 7.27 48.97
CA THR E 134 -0.48 7.53 49.36
C THR E 134 -1.35 7.85 48.16
N ASN E 135 -0.75 7.95 46.99
CA ASN E 135 -1.50 8.29 45.79
C ASN E 135 -2.23 7.08 45.23
N VAL E 136 -3.40 6.81 45.80
CA VAL E 136 -4.16 5.62 45.48
C VAL E 136 -4.40 5.49 43.98
N ALA E 137 -4.75 6.60 43.32
CA ALA E 137 -5.13 6.59 41.91
C ALA E 137 -3.98 6.14 41.01
N SER E 138 -2.80 6.71 41.24
CA SER E 138 -1.59 6.36 40.51
C SER E 138 -1.17 4.91 40.76
N ILE E 139 -1.19 4.50 42.03
CA ILE E 139 -0.87 3.12 42.36
C ILE E 139 -1.80 2.16 41.62
N GLN E 140 -3.09 2.47 41.66
CA GLN E 140 -4.07 1.61 41.01
C GLN E 140 -3.91 1.60 39.49
N LEU E 141 -3.49 2.73 38.93
CA LEU E 141 -3.13 2.78 37.52
C LEU E 141 -2.02 1.77 37.20
N HIS E 142 -0.92 1.82 37.93
CA HIS E 142 0.20 0.91 37.68
C HIS E 142 -0.16 -0.57 37.90
N GLN E 143 -0.95 -0.85 38.91
CA GLN E 143 -1.38 -2.23 39.14
C GLN E 143 -2.19 -2.72 37.95
N LYS E 144 -3.18 -1.94 37.55
CA LYS E 144 -4.00 -2.29 36.38
C LYS E 144 -3.11 -2.58 35.19
N LEU E 145 -2.06 -1.79 35.02
CA LEU E 145 -1.16 -1.94 33.88
C LEU E 145 -0.21 -3.12 33.99
N GLY E 146 -0.25 -3.82 35.12
CA GLY E 146 0.63 -4.96 35.30
C GLY E 146 1.92 -4.69 36.08
N PHE E 147 2.03 -3.52 36.69
CA PHE E 147 3.23 -3.21 37.46
C PHE E 147 3.25 -3.96 38.80
N ILE E 148 4.46 -4.21 39.27
CA ILE E 148 4.67 -4.83 40.56
C ILE E 148 5.20 -3.77 41.49
N HIS E 149 4.76 -3.78 42.73
CA HIS E 149 5.32 -2.89 43.73
C HIS E 149 6.66 -3.45 44.23
N SER E 150 7.76 -2.89 43.75
CA SER E 150 9.09 -3.39 44.10
C SER E 150 9.45 -3.06 45.55
N GLY E 151 9.04 -1.89 46.01
CA GLY E 151 9.38 -1.44 47.35
C GLY E 151 9.08 0.03 47.57
N THR E 152 9.39 0.53 48.76
CA THR E 152 9.04 1.89 49.14
C THR E 152 10.11 2.42 50.06
N ILE E 153 10.72 3.54 49.70
CA ILE E 153 11.63 4.23 50.62
C ILE E 153 10.80 5.14 51.50
N GLN E 154 10.68 4.79 52.78
CA GLN E 154 9.85 5.53 53.72
C GLN E 154 10.47 6.88 54.05
N GLN E 155 9.65 7.92 54.01
CA GLN E 155 10.08 9.25 54.42
C GLN E 155 11.29 9.70 53.65
N ALA E 156 11.32 9.38 52.37
CA ALA E 156 12.45 9.70 51.52
C ALA E 156 12.35 11.17 51.08
N GLY E 157 11.13 11.65 50.97
CA GLY E 157 10.90 13.03 50.58
C GLY E 157 10.23 13.85 51.68
N PHE E 158 10.25 15.16 51.48
CA PHE E 158 9.60 16.07 52.41
C PHE E 158 9.03 17.25 51.63
N LYS E 159 7.72 17.41 51.69
CA LYS E 159 7.04 18.46 50.95
C LYS E 159 5.74 18.81 51.66
N PHE E 160 5.31 20.05 51.57
CA PHE E 160 4.08 20.49 52.22
C PHE E 160 4.19 20.22 53.71
N GLY E 161 5.40 20.38 54.23
CA GLY E 161 5.63 20.19 55.65
C GLY E 161 5.45 18.79 56.20
N ARG E 162 5.47 17.78 55.32
CA ARG E 162 5.38 16.40 55.81
C ARG E 162 6.34 15.41 55.13
N TRP E 163 6.54 14.27 55.78
CA TRP E 163 7.37 13.21 55.22
C TRP E 163 6.63 12.45 54.13
N LEU E 164 7.28 12.22 53.01
CA LEU E 164 6.69 11.45 51.92
C LEU E 164 7.39 10.12 51.71
N ASP E 165 6.60 9.08 51.44
CA ASP E 165 7.11 7.75 51.10
C ASP E 165 7.20 7.62 49.59
N ALA E 166 8.38 7.27 49.10
CA ALA E 166 8.56 7.11 47.67
C ALA E 166 8.40 5.65 47.30
N ALA E 167 7.32 5.33 46.60
CA ALA E 167 7.10 3.94 46.17
C ALA E 167 7.60 3.69 44.76
N PHE E 168 8.24 2.56 44.56
CA PHE E 168 8.71 2.17 43.25
C PHE E 168 7.90 1.01 42.73
N TYR E 169 7.23 1.25 41.60
CA TYR E 169 6.48 0.25 40.88
C TYR E 169 7.25 -0.05 39.60
N GLN E 170 7.33 -1.33 39.23
CA GLN E 170 8.11 -1.74 38.07
C GLN E 170 7.36 -2.69 37.15
N LEU E 171 7.69 -2.61 35.87
CA LEU E 171 7.15 -3.50 34.86
C LEU E 171 8.37 -4.02 34.09
N THR E 172 8.56 -5.32 34.10
CA THR E 172 9.64 -5.96 33.35
C THR E 172 9.15 -6.43 31.99
N LEU E 173 9.88 -6.06 30.94
CA LEU E 173 9.46 -6.37 29.58
C LEU E 173 10.20 -7.60 29.05
N ASP E 174 9.77 -8.11 27.89
CA ASP E 174 10.40 -9.29 27.27
C ASP E 174 11.69 -8.90 26.56
N THR E 175 11.79 -7.61 26.25
CA THR E 175 12.97 -7.04 25.64
C THR E 175 13.92 -6.60 26.74
N PRO E 176 15.19 -6.38 26.40
CA PRO E 176 15.75 -6.70 25.08
C PRO E 176 16.08 -8.18 25.01
N LEU E 177 16.07 -8.73 23.81
CA LEU E 177 16.34 -10.13 23.60
C LEU E 177 17.85 -10.41 23.75
N HIS E 178 18.65 -9.39 23.46
CA HIS E 178 20.10 -9.52 23.45
C HIS E 178 20.77 -8.42 24.24
N PRO E 179 20.50 -8.36 25.54
CA PRO E 179 21.23 -7.33 26.27
C PRO E 179 22.72 -7.61 26.11
N GLN E 180 23.52 -6.55 26.12
CA GLN E 180 24.96 -6.68 26.09
C GLN E 180 25.58 -5.56 26.90
N ASP E 181 26.65 -5.87 27.63
CA ASP E 181 27.39 -4.88 28.39
C ASP E 181 27.91 -3.86 27.39
N ASP E 182 28.23 -2.66 27.86
CA ASP E 182 28.70 -1.62 26.96
C ASP E 182 30.23 -1.63 26.88
N MET F 1 49.84 -15.56 75.04
CA MET F 1 49.67 -14.46 74.09
C MET F 1 48.45 -14.71 73.19
N PHE F 2 48.22 -13.83 72.22
CA PHE F 2 47.01 -13.95 71.40
C PHE F 2 46.80 -12.89 70.30
N SER F 5 52.46 -12.62 63.51
CA SER F 5 52.18 -11.81 62.33
C SER F 5 52.17 -10.31 62.57
N THR F 6 51.15 -9.62 62.05
CA THR F 6 51.19 -8.17 61.95
C THR F 6 49.97 -7.43 62.53
N THR F 7 50.15 -6.13 62.74
CA THR F 7 49.14 -5.29 63.33
C THR F 7 48.97 -4.06 62.43
N THR F 8 47.72 -3.72 62.11
CA THR F 8 47.43 -2.59 61.23
C THR F 8 46.57 -1.53 61.90
N LEU F 9 46.95 -0.28 61.70
CA LEU F 9 46.22 0.85 62.23
C LEU F 9 45.13 1.25 61.27
N PHE F 10 43.97 1.66 61.80
CA PHE F 10 43.03 2.39 60.97
C PHE F 10 42.70 3.70 61.64
N ARG F 11 42.84 4.79 60.90
CA ARG F 11 42.47 6.11 61.42
C ARG F 11 41.61 6.82 60.39
N PHE F 12 40.55 7.47 60.86
CA PHE F 12 39.60 8.16 60.00
C PHE F 12 40.16 9.51 59.60
N VAL F 13 40.06 9.83 58.31
CA VAL F 13 40.48 11.14 57.84
C VAL F 13 39.46 11.61 56.83
N GLU F 14 39.40 12.91 56.59
CA GLU F 14 38.61 13.44 55.48
C GLU F 14 39.45 13.32 54.22
N CYS F 15 38.98 12.51 53.26
CA CYS F 15 39.73 12.34 52.02
C CYS F 15 39.74 13.62 51.18
N THR F 16 40.87 13.89 50.52
CA THR F 16 40.99 15.08 49.67
C THR F 16 41.51 14.65 48.30
N GLU F 17 41.14 15.40 47.28
CA GLU F 17 41.55 15.07 45.92
C GLU F 17 43.07 14.98 45.84
N ASP F 18 43.75 15.96 46.44
CA ASP F 18 45.20 16.01 46.42
C ASP F 18 45.84 14.76 47.01
N GLN F 19 45.31 14.31 48.15
CA GLN F 19 45.91 13.17 48.86
C GLN F 19 45.51 11.81 48.31
N HIS F 20 44.26 11.64 47.88
CA HIS F 20 43.74 10.28 47.67
C HIS F 20 43.11 9.95 46.31
N ALA F 21 43.11 10.89 45.38
CA ALA F 21 42.47 10.67 44.08
C ALA F 21 42.93 9.36 43.47
N LEU F 22 44.23 9.13 43.52
CA LEU F 22 44.84 7.96 42.89
C LEU F 22 44.45 6.65 43.59
N GLU F 23 44.48 6.65 44.92
CA GLU F 23 44.15 5.42 45.63
C GLU F 23 42.66 5.13 45.52
N ILE F 24 41.86 6.20 45.52
CA ILE F 24 40.42 6.03 45.35
C ILE F 24 40.07 5.50 43.96
N LEU F 25 40.70 6.05 42.92
CA LEU F 25 40.49 5.53 41.57
C LEU F 25 40.83 4.04 41.50
N GLU F 26 41.88 3.66 42.20
CA GLU F 26 42.36 2.28 42.17
C GLU F 26 41.33 1.37 42.84
N ILE F 27 40.78 1.84 43.95
CA ILE F 27 39.83 1.04 44.69
C ILE F 27 38.55 0.90 43.89
N LEU F 28 38.04 2.02 43.37
CA LEU F 28 36.82 2.01 42.57
C LEU F 28 36.96 1.08 41.36
N ASN F 29 38.14 1.06 40.76
CA ASN F 29 38.32 0.28 39.54
C ASN F 29 38.33 -1.22 39.80
N ASP F 30 38.92 -1.63 40.91
CA ASP F 30 38.85 -3.03 41.29
C ASP F 30 37.38 -3.44 41.49
N ALA F 31 36.62 -2.57 42.15
CA ALA F 31 35.20 -2.81 42.38
C ALA F 31 34.44 -2.92 41.07
N ILE F 32 34.72 -2.00 40.15
CA ILE F 32 34.10 -1.99 38.83
C ILE F 32 34.38 -3.29 38.10
N ILE F 33 35.65 -3.68 38.10
CA ILE F 33 36.09 -4.87 37.37
C ILE F 33 35.55 -6.17 37.98
N ASN F 34 35.71 -6.34 39.28
CA ASN F 34 35.48 -7.65 39.91
C ASN F 34 34.27 -7.76 40.83
N SER F 35 33.31 -6.85 40.69
CA SER F 35 32.14 -6.90 41.57
C SER F 35 30.89 -6.30 40.94
N THR F 36 29.75 -6.60 41.52
CA THR F 36 28.49 -6.01 41.09
C THR F 36 28.20 -4.75 41.90
N ALA F 37 29.23 -4.29 42.62
CA ALA F 37 29.11 -3.10 43.46
C ALA F 37 28.78 -1.87 42.62
N LEU F 38 29.77 -1.37 41.88
CA LEU F 38 29.57 -0.22 41.00
C LEU F 38 28.95 -0.64 39.68
N TYR F 39 28.00 0.15 39.19
CA TYR F 39 27.31 -0.19 37.95
C TYR F 39 27.97 0.42 36.71
N ASP F 40 29.30 0.43 36.74
CA ASP F 40 30.13 0.78 35.59
C ASP F 40 30.65 -0.48 34.90
N TYR F 41 30.92 -0.36 33.61
CA TYR F 41 31.63 -1.40 32.88
C TYR F 41 33.12 -1.07 32.80
N LYS F 42 33.43 0.03 32.12
CA LYS F 42 34.81 0.44 31.91
C LYS F 42 35.38 1.12 33.14
N PRO F 43 36.67 0.83 33.44
CA PRO F 43 37.38 1.53 34.51
C PRO F 43 37.29 3.05 34.33
N ARG F 44 37.15 3.78 35.42
CA ARG F 44 37.04 5.24 35.34
C ARG F 44 38.40 5.84 35.01
N SER F 45 38.39 7.07 34.52
CA SER F 45 39.64 7.76 34.20
C SER F 45 40.04 8.73 35.30
N LYS F 46 41.30 9.18 35.24
CA LYS F 46 41.80 10.20 36.16
C LYS F 46 40.91 11.43 36.08
N GLU F 47 40.58 11.83 34.85
CA GLU F 47 39.73 13.00 34.62
C GLU F 47 38.37 12.87 35.32
N SER F 48 37.76 11.69 35.18
CA SER F 48 36.46 11.40 35.81
C SER F 48 36.50 11.58 37.33
N MET F 49 37.57 11.08 37.93
CA MET F 49 37.77 11.20 39.37
C MET F 49 37.76 12.65 39.83
N ALA F 50 38.24 13.54 38.97
CA ALA F 50 38.33 14.95 39.30
C ALA F 50 36.95 15.57 39.48
N ALA F 51 36.01 15.13 38.65
CA ALA F 51 34.63 15.59 38.71
C ALA F 51 33.95 15.02 39.94
N TRP F 52 34.22 13.75 40.21
CA TRP F 52 33.69 13.05 41.37
C TRP F 52 33.97 13.87 42.63
N PHE F 53 35.22 14.28 42.80
CA PHE F 53 35.60 15.11 43.95
C PHE F 53 34.89 16.47 43.93
N ALA F 54 34.77 17.05 42.74
CA ALA F 54 34.19 18.39 42.63
C ALA F 54 32.72 18.38 43.03
N THR F 55 32.03 17.28 42.73
CA THR F 55 30.62 17.14 43.06
C THR F 55 30.42 17.01 44.56
N LYS F 56 31.32 16.27 45.20
CA LYS F 56 31.23 16.10 46.65
C LYS F 56 31.56 17.40 47.36
N ARG F 57 32.54 18.13 46.83
CA ARG F 57 32.89 19.43 47.39
C ARG F 57 31.76 20.42 47.27
N GLN F 58 31.18 20.53 46.07
CA GLN F 58 30.10 21.49 45.85
C GLN F 58 28.89 21.18 46.71
N ASN F 59 28.72 19.90 47.02
CA ASN F 59 27.53 19.46 47.74
C ASN F 59 27.78 19.24 49.22
N ASN F 60 29.03 19.41 49.63
CA ASN F 60 29.41 19.14 51.01
C ASN F 60 29.13 17.69 51.37
N PHE F 61 29.32 16.79 50.41
CA PHE F 61 29.26 15.35 50.68
C PHE F 61 30.56 14.90 51.30
N PRO F 62 30.49 14.21 52.45
CA PRO F 62 31.67 13.72 53.13
C PRO F 62 32.32 12.57 52.38
N ILE F 63 33.65 12.49 52.48
CA ILE F 63 34.40 11.35 52.00
C ILE F 63 35.30 10.96 53.15
N ILE F 64 34.87 9.95 53.90
CA ILE F 64 35.57 9.54 55.10
C ILE F 64 36.45 8.36 54.78
N GLY F 65 37.75 8.53 54.93
CA GLY F 65 38.69 7.46 54.66
C GLY F 65 39.20 6.78 55.92
N ALA F 66 39.66 5.54 55.75
CA ALA F 66 40.45 4.84 56.77
C ALA F 66 41.86 4.61 56.24
N VAL F 67 42.86 5.13 56.95
CA VAL F 67 44.26 5.00 56.51
C VAL F 67 45.09 4.25 57.56
N ASN F 68 46.15 3.59 57.13
CA ASN F 68 47.07 2.94 58.07
C ASN F 68 48.17 3.89 58.58
N GLU F 69 49.18 3.35 59.27
CA GLU F 69 50.21 4.20 59.88
C GLU F 69 51.03 4.94 58.83
N VAL F 70 51.13 4.36 57.64
CA VAL F 70 51.85 4.96 56.52
C VAL F 70 50.98 5.97 55.77
N GLY F 71 49.68 5.95 56.04
CA GLY F 71 48.77 6.89 55.40
C GLY F 71 48.18 6.31 54.12
N GLN F 72 48.43 5.02 53.89
CA GLN F 72 47.84 4.30 52.77
C GLN F 72 46.35 4.11 53.04
N LEU F 73 45.52 4.42 52.05
CA LEU F 73 44.07 4.35 52.18
C LEU F 73 43.58 2.90 52.17
N LEU F 74 42.92 2.49 53.26
CA LEU F 74 42.43 1.11 53.38
C LEU F 74 40.99 0.97 52.89
N GLY F 75 40.30 2.11 52.83
CA GLY F 75 38.94 2.17 52.32
C GLY F 75 38.34 3.52 52.61
N PHE F 76 37.19 3.80 52.00
CA PHE F 76 36.45 5.03 52.29
C PHE F 76 34.95 4.80 52.29
N ALA F 77 34.22 5.79 52.80
CA ALA F 77 32.78 5.73 52.78
C ALA F 77 32.34 7.13 52.41
N SER F 78 31.26 7.23 51.64
CA SER F 78 30.80 8.51 51.18
C SER F 78 29.29 8.46 51.00
N TRP F 79 28.68 9.61 50.75
CA TRP F 79 27.31 9.62 50.25
C TRP F 79 27.13 10.70 49.20
N GLY F 80 26.01 10.62 48.51
CA GLY F 80 25.63 11.59 47.51
C GLY F 80 24.12 11.63 47.44
N SER F 81 23.60 12.31 46.44
CA SER F 81 22.17 12.38 46.24
C SER F 81 21.65 10.98 45.94
N PHE F 82 20.45 10.69 46.43
CA PHE F 82 19.80 9.43 46.12
C PHE F 82 19.01 9.62 44.83
N ARG F 83 18.13 10.62 44.85
CA ARG F 83 17.42 11.01 43.64
C ARG F 83 17.51 12.53 43.53
N ALA F 84 17.79 13.02 42.33
CA ALA F 84 18.15 14.42 42.14
C ALA F 84 16.94 15.33 41.99
N PHE F 85 16.08 15.34 43.01
CA PHE F 85 14.93 16.23 43.03
C PHE F 85 14.91 16.91 44.37
N PRO F 86 14.40 18.15 44.42
CA PRO F 86 14.58 18.96 45.63
C PRO F 86 14.00 18.39 46.92
N ALA F 87 12.88 17.69 46.88
CA ALA F 87 12.25 17.23 48.13
C ALA F 87 12.95 15.99 48.72
N TYR F 88 13.96 15.49 48.01
CA TYR F 88 14.79 14.41 48.53
C TYR F 88 15.98 14.95 49.33
N LYS F 89 15.91 16.22 49.73
CA LYS F 89 17.05 16.89 50.39
C LYS F 89 17.60 16.18 51.62
N TYR F 90 16.74 15.45 52.33
CA TYR F 90 17.15 14.79 53.57
C TYR F 90 17.51 13.32 53.37
N THR F 91 17.65 12.90 52.12
CA THR F 91 17.96 11.51 51.82
C THR F 91 19.26 11.43 51.05
N VAL F 92 20.16 10.56 51.48
CA VAL F 92 21.41 10.39 50.76
C VAL F 92 21.58 8.92 50.43
N GLU F 93 22.41 8.65 49.45
CA GLU F 93 22.75 7.28 49.16
C GLU F 93 24.21 7.11 49.49
N HIS F 94 24.53 6.13 50.31
CA HIS F 94 25.90 5.92 50.72
C HIS F 94 26.58 4.81 49.95
N SER F 95 27.91 4.82 50.01
CA SER F 95 28.68 3.69 49.53
C SER F 95 29.92 3.54 50.38
N VAL F 96 30.41 2.31 50.48
CA VAL F 96 31.63 2.03 51.19
C VAL F 96 32.46 1.04 50.38
N TYR F 97 33.75 1.31 50.22
CA TYR F 97 34.63 0.49 49.42
C TYR F 97 35.88 0.18 50.23
N ILE F 98 36.19 -1.10 50.37
CA ILE F 98 37.40 -1.53 51.07
C ILE F 98 38.46 -2.03 50.09
N HIS F 99 39.71 -1.71 50.37
CA HIS F 99 40.83 -2.13 49.53
C HIS F 99 40.87 -3.66 49.47
N LYS F 100 41.15 -4.22 48.31
CA LYS F 100 41.18 -5.67 48.12
C LYS F 100 42.15 -6.39 49.06
N ASP F 101 43.03 -5.64 49.72
CA ASP F 101 44.02 -6.25 50.61
C ASP F 101 43.61 -6.17 52.07
N TYR F 102 42.56 -5.40 52.36
CA TYR F 102 42.16 -5.21 53.75
C TYR F 102 40.74 -5.67 54.07
N ARG F 103 40.24 -6.66 53.32
CA ARG F 103 38.88 -7.17 53.54
C ARG F 103 38.79 -8.19 54.67
N GLY F 104 37.57 -8.40 55.18
CA GLY F 104 37.33 -9.37 56.23
C GLY F 104 37.96 -8.99 57.56
N LEU F 105 38.14 -7.69 57.79
CA LEU F 105 38.68 -7.22 59.06
C LEU F 105 37.65 -6.37 59.79
N GLY F 106 36.54 -6.11 59.13
CA GLY F 106 35.48 -5.29 59.71
C GLY F 106 35.54 -3.81 59.37
N LEU F 107 36.37 -3.46 58.40
CA LEU F 107 36.56 -2.06 58.06
C LEU F 107 35.26 -1.43 57.54
N SER F 108 34.52 -2.18 56.73
CA SER F 108 33.22 -1.72 56.21
C SER F 108 32.34 -1.26 57.36
N LYS F 109 32.27 -2.07 58.41
CA LYS F 109 31.40 -1.77 59.54
C LYS F 109 31.85 -0.50 60.26
N HIS F 110 33.15 -0.39 60.51
CA HIS F 110 33.66 0.80 61.20
C HIS F 110 33.49 2.08 60.41
N LEU F 111 33.74 2.01 59.11
CA LEU F 111 33.50 3.17 58.24
C LEU F 111 32.02 3.56 58.20
N MET F 112 31.14 2.56 58.06
CA MET F 112 29.69 2.80 58.03
C MET F 112 29.21 3.49 59.31
N ASN F 113 29.68 3.02 60.46
CA ASN F 113 29.36 3.67 61.71
C ASN F 113 29.82 5.11 61.76
N GLU F 114 30.99 5.39 61.20
CA GLU F 114 31.52 6.75 61.17
C GLU F 114 30.67 7.61 60.23
N LEU F 115 30.23 7.02 59.12
CA LEU F 115 29.35 7.74 58.18
C LEU F 115 27.98 7.94 58.80
N ILE F 116 27.48 6.96 59.55
CA ILE F 116 26.20 7.14 60.22
C ILE F 116 26.27 8.30 61.24
N LYS F 117 27.36 8.39 61.99
CA LYS F 117 27.56 9.52 62.91
C LYS F 117 27.53 10.84 62.14
N ARG F 118 28.32 10.92 61.07
CA ARG F 118 28.36 12.11 60.23
C ARG F 118 26.99 12.46 59.65
N ALA F 119 26.16 11.46 59.34
CA ALA F 119 24.83 11.71 58.81
C ALA F 119 23.96 12.39 59.85
N VAL F 120 23.98 11.84 61.06
CA VAL F 120 23.25 12.44 62.18
C VAL F 120 23.67 13.89 62.34
N GLU F 121 24.97 14.14 62.20
CA GLU F 121 25.55 15.46 62.38
C GLU F 121 25.13 16.41 61.27
N SER F 122 24.87 15.86 60.09
CA SER F 122 24.56 16.69 58.92
C SER F 122 23.06 16.80 58.73
N GLU F 123 22.32 16.39 59.75
CA GLU F 123 20.86 16.40 59.72
C GLU F 123 20.27 15.67 58.51
N VAL F 124 20.78 14.47 58.29
CA VAL F 124 20.24 13.56 57.30
C VAL F 124 19.07 12.82 57.93
N HIS F 125 18.03 12.54 57.16
CA HIS F 125 16.90 11.80 57.70
C HIS F 125 16.96 10.33 57.31
N VAL F 126 17.34 10.08 56.05
CA VAL F 126 17.40 8.73 55.52
C VAL F 126 18.69 8.46 54.77
N MET F 127 19.30 7.32 55.07
CA MET F 127 20.40 6.79 54.28
C MET F 127 19.88 5.59 53.51
N VAL F 128 20.18 5.56 52.22
CA VAL F 128 19.78 4.44 51.37
C VAL F 128 20.98 3.73 50.81
N GLY F 129 21.00 2.42 50.93
CA GLY F 129 22.03 1.65 50.28
C GLY F 129 21.41 0.82 49.17
N CYS F 130 22.03 0.87 48.01
CA CYS F 130 21.59 0.03 46.92
C CYS F 130 22.56 -1.15 46.81
N ILE F 131 22.04 -2.36 46.98
CA ILE F 131 22.90 -3.55 47.05
C ILE F 131 22.42 -4.61 46.08
N ASP F 132 23.36 -5.30 45.43
CA ASP F 132 22.98 -6.49 44.67
C ASP F 132 22.21 -7.43 45.60
N ALA F 133 21.01 -7.85 45.19
CA ALA F 133 20.14 -8.61 46.08
C ALA F 133 20.70 -9.95 46.51
N THR F 134 21.69 -10.47 45.77
CA THR F 134 22.37 -11.71 46.14
C THR F 134 23.57 -11.48 47.05
N ASN F 135 23.93 -10.22 47.27
CA ASN F 135 25.12 -9.95 48.06
C ASN F 135 24.83 -10.10 49.55
N VAL F 136 24.85 -11.35 50.00
CA VAL F 136 24.45 -11.72 51.34
C VAL F 136 25.24 -11.01 52.41
N ALA F 137 26.55 -10.96 52.22
CA ALA F 137 27.46 -10.34 53.18
C ALA F 137 27.14 -8.86 53.39
N SER F 138 26.87 -8.14 52.30
CA SER F 138 26.61 -6.71 52.45
C SER F 138 25.25 -6.47 53.09
N ILE F 139 24.27 -7.25 52.68
CA ILE F 139 22.92 -7.12 53.23
C ILE F 139 22.98 -7.32 54.73
N GLN F 140 23.68 -8.38 55.13
CA GLN F 140 23.85 -8.72 56.54
C GLN F 140 24.54 -7.59 57.32
N LEU F 141 25.57 -6.99 56.74
CA LEU F 141 26.23 -5.85 57.37
C LEU F 141 25.24 -4.68 57.56
N HIS F 142 24.44 -4.41 56.54
CA HIS F 142 23.45 -3.34 56.63
C HIS F 142 22.37 -3.61 57.66
N GLN F 143 21.89 -4.85 57.74
CA GLN F 143 20.94 -5.20 58.79
C GLN F 143 21.55 -5.07 60.18
N LYS F 144 22.84 -5.38 60.33
CA LYS F 144 23.45 -5.25 61.65
C LYS F 144 23.49 -3.79 62.09
N LEU F 145 23.58 -2.88 61.13
CA LEU F 145 23.65 -1.44 61.42
C LEU F 145 22.28 -0.80 61.55
N GLY F 146 21.23 -1.61 61.42
CA GLY F 146 19.88 -1.10 61.60
C GLY F 146 19.15 -0.72 60.32
N PHE F 147 19.78 -0.91 59.17
CA PHE F 147 19.10 -0.75 57.90
C PHE F 147 17.98 -1.77 57.72
N ILE F 148 16.93 -1.35 57.04
CA ILE F 148 15.79 -2.21 56.80
C ILE F 148 15.52 -2.30 55.31
N HIS F 149 15.23 -3.51 54.86
CA HIS F 149 14.91 -3.79 53.46
C HIS F 149 13.70 -2.98 52.99
N SER F 150 13.91 -2.05 52.05
CA SER F 150 12.81 -1.21 51.55
C SER F 150 12.12 -1.87 50.35
N GLY F 151 12.88 -2.69 49.63
CA GLY F 151 12.32 -3.43 48.52
C GLY F 151 13.40 -3.70 47.50
N THR F 152 13.00 -4.27 46.37
CA THR F 152 13.95 -4.74 45.38
C THR F 152 13.39 -4.54 43.99
N ILE F 153 14.15 -3.88 43.14
CA ILE F 153 13.80 -3.73 41.75
C ILE F 153 14.47 -4.82 40.93
N GLN F 154 13.68 -5.82 40.55
CA GLN F 154 14.20 -6.98 39.84
C GLN F 154 14.75 -6.65 38.47
N GLN F 155 15.93 -7.18 38.18
CA GLN F 155 16.56 -7.08 36.86
C GLN F 155 16.75 -5.63 36.45
N ALA F 156 16.89 -4.75 37.43
CA ALA F 156 17.14 -3.35 37.15
C ALA F 156 18.50 -3.15 36.51
N GLY F 157 19.46 -4.01 36.84
CA GLY F 157 20.80 -3.83 36.30
C GLY F 157 21.22 -4.95 35.35
N PHE F 158 22.24 -4.66 34.55
CA PHE F 158 22.79 -5.68 33.68
C PHE F 158 24.31 -5.67 33.76
N LYS F 159 24.89 -6.74 34.30
CA LYS F 159 26.34 -6.83 34.37
C LYS F 159 26.87 -8.27 34.27
N PHE F 160 28.07 -8.40 33.69
CA PHE F 160 28.67 -9.71 33.49
C PHE F 160 27.70 -10.53 32.69
N GLY F 161 27.03 -9.85 31.77
CA GLY F 161 26.11 -10.50 30.84
C GLY F 161 24.85 -11.05 31.46
N ARG F 162 24.52 -10.65 32.69
CA ARG F 162 23.26 -11.12 33.28
C ARG F 162 22.50 -10.03 34.04
N TRP F 163 21.18 -10.21 34.15
CA TRP F 163 20.32 -9.32 34.92
C TRP F 163 20.59 -9.39 36.41
N LEU F 164 20.56 -8.25 37.08
CA LEU F 164 20.78 -8.20 38.52
C LEU F 164 19.63 -7.48 39.23
N ASP F 165 19.31 -7.93 40.43
CA ASP F 165 18.32 -7.29 41.28
C ASP F 165 18.95 -6.25 42.22
N ALA F 166 18.38 -5.07 42.22
CA ALA F 166 18.84 -3.96 43.05
C ALA F 166 17.97 -3.91 44.29
N ALA F 167 18.53 -4.33 45.41
CA ALA F 167 17.80 -4.28 46.67
C ALA F 167 18.09 -2.95 47.31
N PHE F 168 17.08 -2.33 47.91
CA PHE F 168 17.32 -1.08 48.61
C PHE F 168 17.14 -1.26 50.09
N TYR F 169 18.11 -0.76 50.84
CA TYR F 169 18.10 -0.82 52.29
C TYR F 169 18.20 0.60 52.84
N GLN F 170 17.38 0.89 53.84
CA GLN F 170 17.31 2.26 54.36
C GLN F 170 17.44 2.30 55.86
N LEU F 171 18.01 3.41 56.31
CA LEU F 171 18.15 3.67 57.72
C LEU F 171 17.55 5.04 57.96
N THR F 172 16.55 5.11 58.81
CA THR F 172 15.89 6.36 59.14
C THR F 172 16.37 6.88 60.49
N LEU F 173 16.86 8.12 60.49
CA LEU F 173 17.44 8.74 61.67
C LEU F 173 16.46 9.69 62.33
N ASP F 174 16.71 10.01 63.59
CA ASP F 174 15.88 10.93 64.36
C ASP F 174 15.99 12.35 63.84
N THR F 175 17.03 12.63 63.07
CA THR F 175 17.19 13.96 62.47
C THR F 175 16.50 14.04 61.11
N PRO F 176 16.22 15.27 60.64
CA PRO F 176 16.44 16.55 61.32
C PRO F 176 15.28 16.80 62.28
N LEU F 177 15.49 17.56 63.34
CA LEU F 177 14.41 17.82 64.30
C LEU F 177 13.33 18.70 63.71
N HIS F 178 13.73 19.69 62.92
CA HIS F 178 12.79 20.61 62.29
C HIS F 178 12.99 20.66 60.78
N PRO F 179 12.45 19.67 60.06
CA PRO F 179 12.51 19.60 58.60
C PRO F 179 11.70 20.74 57.99
N GLN F 180 12.21 21.33 56.91
CA GLN F 180 11.43 22.35 56.21
C GLN F 180 11.52 22.26 54.68
N ASP F 181 10.41 22.58 54.01
CA ASP F 181 10.41 22.76 52.56
C ASP F 181 11.50 23.75 52.19
N ASP F 182 11.99 23.69 50.95
CA ASP F 182 12.92 24.71 50.47
C ASP F 182 12.20 26.06 50.36
#